data_1BXG
#
_entry.id   1BXG
#
_cell.length_a   65.510
_cell.length_b   116.960
_cell.length_c   111.550
_cell.angle_alpha   90.00
_cell.angle_beta   90.00
_cell.angle_gamma   90.00
#
_symmetry.space_group_name_H-M   'P 21 21 21'
#
loop_
_entity.id
_entity.type
_entity.pdbx_description
1 polymer 'PHENYLALANINE DEHYDROGENASE'
2 polymer 'PHENYLALANINE DEHYDROGENASE'
3 non-polymer NICOTINAMIDE-ADENINE-DINUCLEOTIDE
4 non-polymer 'HYDROCINNAMIC ACID'
5 non-polymer 'POTASSIUM ION'
6 non-polymer 'PHOSPHATE ION'
7 water water
#
loop_
_entity_poly.entity_id
_entity_poly.type
_entity_poly.pdbx_seq_one_letter_code
_entity_poly.pdbx_strand_id
1 'polypeptide(L)'
;MSIDSALNWDGEMTVTRFDSKTGAHFVIRLDSTQLGPAAGGTRAAQYSQLADALTDAGKLAGAMTLKMAVSNLPMGGGKS
VIALPAPRHSIDPSTWARILRIHAENIDKLSGNYWTGPDVNTNSADMDTLNDTTEFVFGRSLERGGAGSSAFTTAVGVFE
AMKATVAHRGLGSLDGLTVLVQGLGAVGGSLASLAAEAGAQLLVADTDTERVAHAVALGHTAVALEDVLSTPCDVFAPCA
MGGVITTEVARTLDCSVVAGAANNVIADEAASDILHARGILYAPDFVANAGGAIHLVGREVLGWSESVVHERAVAIGDTL
NQVFEISDNDGVTPDEAARTLAGRRAREASTTTATA
;
A
2 'polypeptide(L)'
;MSIDSALNWDGEMTVTRFDRMTGAHFVIRLDSTQLGPAAGGTRAAQYSQLADALTDAGKLAGAMTLKMAVSNLPMGGGKS
VIALPAPRHSIDPSTWARILRIHAENIDKLSGNYWTGPDVNTNSADMDTLNDTTEFVFGRSLERGGAGSSAFTTAVGVFE
AMKATVAHRGLGSLDGLTVLVQGLGAVGGSLASLAAEAGAQLLVADTDTERVAHAVALGHTAVALEDVLSTPCDVFAPCA
MGGVITTEVARTLDCSVVAGAANNVIADEAASDILHARGILYAPDFVANAGGAIHLVGREVLGWSESVVHERAVAIGDTL
NQVFEISDNDGVTPDEAARTLAGRRAREASTTTATA
;
B
#
# COMPACT_ATOMS: atom_id res chain seq x y z
N SER A 2 10.81 7.36 11.43
CA SER A 2 11.37 7.07 10.12
C SER A 2 10.47 6.18 9.31
N ILE A 3 10.27 6.60 8.06
CA ILE A 3 9.47 5.84 7.11
C ILE A 3 9.93 4.39 6.95
N ASP A 4 11.25 4.25 6.80
CA ASP A 4 11.84 2.95 6.63
C ASP A 4 11.42 2.04 7.75
N SER A 5 11.50 2.63 8.95
CA SER A 5 11.12 1.98 10.19
C SER A 5 9.64 1.68 10.24
N ALA A 6 8.86 2.61 9.67
CA ALA A 6 7.43 2.45 9.64
C ALA A 6 7.11 1.32 8.71
N LEU A 7 7.98 1.19 7.74
CA LEU A 7 7.82 0.16 6.76
C LEU A 7 8.30 -1.19 7.26
N ASN A 8 8.98 -1.21 8.39
CA ASN A 8 9.44 -2.48 8.92
C ASN A 8 8.39 -3.07 9.82
N TRP A 9 7.21 -3.34 9.24
CA TRP A 9 6.05 -3.90 9.94
C TRP A 9 5.72 -5.27 9.43
N ASP A 10 5.12 -6.03 10.32
CA ASP A 10 4.74 -7.39 10.01
C ASP A 10 3.32 -7.64 9.52
N GLY A 11 2.59 -6.58 9.19
CA GLY A 11 1.23 -6.75 8.71
C GLY A 11 1.20 -7.41 7.35
N GLU A 12 0.03 -7.97 6.99
CA GLU A 12 -0.18 -8.62 5.70
C GLU A 12 -0.08 -7.60 4.56
N MET A 13 -0.38 -6.33 4.88
CA MET A 13 -0.36 -5.37 3.82
C MET A 13 -0.65 -3.96 4.20
N THR A 14 0.11 -3.09 3.57
CA THR A 14 -0.03 -1.67 3.77
C THR A 14 -0.39 -1.00 2.47
N VAL A 15 -1.46 -0.21 2.48
CA VAL A 15 -1.89 0.50 1.29
C VAL A 15 -1.72 1.99 1.56
N THR A 16 -1.19 2.73 0.61
CA THR A 16 -1.00 4.14 0.81
C THR A 16 -1.27 4.91 -0.46
N ARG A 17 -1.69 6.14 -0.30
CA ARG A 17 -1.98 7.04 -1.37
C ARG A 17 -1.80 8.49 -0.91
N PHE A 18 -1.45 9.36 -1.83
CA PHE A 18 -1.26 10.75 -1.51
C PHE A 18 -2.11 11.54 -2.46
N ASP A 19 -2.88 12.48 -1.93
CA ASP A 19 -3.74 13.29 -2.79
C ASP A 19 -3.23 14.70 -2.88
N SER A 20 -2.56 15.02 -3.98
CA SER A 20 -2.01 16.35 -4.20
C SER A 20 -2.96 17.49 -3.83
N LYS A 21 -4.12 17.49 -4.49
CA LYS A 21 -5.17 18.48 -4.32
C LYS A 21 -5.51 18.80 -2.87
N THR A 22 -5.76 17.77 -2.08
CA THR A 22 -6.08 18.05 -0.71
C THR A 22 -4.86 18.10 0.15
N GLY A 23 -3.85 17.38 -0.29
CA GLY A 23 -2.61 17.28 0.42
C GLY A 23 -2.81 16.23 1.50
N ALA A 24 -3.83 15.41 1.34
CA ALA A 24 -4.10 14.39 2.34
C ALA A 24 -3.38 13.12 2.03
N HIS A 25 -2.87 12.49 3.07
CA HIS A 25 -2.21 11.18 2.91
C HIS A 25 -3.21 10.11 3.35
N PHE A 26 -3.17 8.94 2.73
CA PHE A 26 -4.11 7.91 3.07
C PHE A 26 -3.41 6.64 3.38
N VAL A 27 -3.88 6.04 4.46
CA VAL A 27 -3.34 4.78 4.97
C VAL A 27 -4.38 3.74 5.30
N ILE A 28 -3.99 2.50 4.95
CA ILE A 28 -4.77 1.32 5.18
C ILE A 28 -3.83 0.19 5.55
N ARG A 29 -3.88 -0.26 6.80
CA ARG A 29 -3.00 -1.35 7.18
C ARG A 29 -3.85 -2.58 7.47
N LEU A 30 -3.44 -3.68 6.86
CA LEU A 30 -4.14 -4.95 7.03
C LEU A 30 -3.28 -5.90 7.85
N ASP A 31 -3.63 -5.98 9.14
CA ASP A 31 -2.89 -6.81 10.06
C ASP A 31 -2.96 -8.30 9.74
N SER A 32 -4.19 -8.80 9.62
CA SER A 32 -4.46 -10.21 9.35
C SER A 32 -5.85 -10.39 8.80
N THR A 33 -5.96 -11.35 7.89
CA THR A 33 -7.20 -11.72 7.24
C THR A 33 -7.36 -13.22 7.36
N GLN A 34 -6.77 -13.74 8.44
CA GLN A 34 -6.76 -15.14 8.76
C GLN A 34 -8.08 -15.65 9.25
N LEU A 35 -8.77 -14.85 10.03
CA LEU A 35 -10.04 -15.33 10.52
C LEU A 35 -11.09 -14.97 9.49
N GLY A 36 -10.78 -13.95 8.73
CA GLY A 36 -11.70 -13.47 7.72
C GLY A 36 -11.25 -12.13 7.19
N PRO A 37 -12.10 -11.44 6.44
CA PRO A 37 -11.69 -10.16 5.94
C PRO A 37 -11.27 -9.23 7.07
N ALA A 38 -10.32 -8.36 6.76
CA ALA A 38 -9.92 -7.42 7.76
C ALA A 38 -11.01 -6.35 7.90
N ALA A 39 -11.14 -5.83 9.10
CA ALA A 39 -12.08 -4.79 9.37
C ALA A 39 -11.53 -3.86 10.46
N GLY A 40 -11.89 -2.58 10.40
CA GLY A 40 -11.45 -1.59 11.37
C GLY A 40 -11.89 -0.21 10.91
N GLY A 41 -12.07 0.70 11.84
CA GLY A 41 -12.56 2.02 11.45
C GLY A 41 -11.65 2.93 10.67
N THR A 42 -12.23 4.07 10.32
CA THR A 42 -11.55 5.12 9.60
C THR A 42 -11.21 6.27 10.56
N ARG A 43 -9.94 6.45 10.80
CA ARG A 43 -9.52 7.50 11.68
C ARG A 43 -9.04 8.65 10.82
N ALA A 44 -9.60 9.84 11.06
CA ALA A 44 -9.22 11.02 10.32
C ALA A 44 -8.46 11.99 11.23
N ALA A 45 -7.19 12.18 11.01
CA ALA A 45 -6.53 13.09 11.90
C ALA A 45 -5.33 13.78 11.33
N GLN A 46 -4.80 14.66 12.15
CA GLN A 46 -3.63 15.39 11.76
C GLN A 46 -2.39 14.75 12.33
N TYR A 47 -1.47 14.40 11.42
CA TYR A 47 -0.25 13.78 11.87
C TYR A 47 0.96 14.66 11.71
N SER A 48 1.89 14.44 12.62
CA SER A 48 3.11 15.20 12.59
C SER A 48 3.91 14.80 11.38
N GLN A 49 3.97 13.47 11.19
CA GLN A 49 4.70 12.87 10.09
C GLN A 49 3.93 11.71 9.51
N LEU A 50 4.32 11.33 8.30
CA LEU A 50 3.69 10.23 7.67
C LEU A 50 4.00 8.95 8.41
N ALA A 51 5.24 8.82 8.89
CA ALA A 51 5.64 7.63 9.65
C ALA A 51 4.72 7.40 10.87
N ASP A 52 4.18 8.50 11.35
CA ASP A 52 3.29 8.48 12.50
C ASP A 52 1.95 7.94 12.15
N ALA A 53 1.46 8.38 11.00
CA ALA A 53 0.18 7.87 10.63
C ALA A 53 0.33 6.37 10.49
N LEU A 54 1.43 5.98 9.84
CA LEU A 54 1.77 4.59 9.58
C LEU A 54 1.86 3.75 10.84
N THR A 55 2.56 4.27 11.83
CA THR A 55 2.69 3.49 13.04
C THR A 55 1.36 3.27 13.75
N ASP A 56 0.55 4.29 13.69
CA ASP A 56 -0.77 4.22 14.26
C ASP A 56 -1.66 3.17 13.63
N ALA A 57 -1.86 3.30 12.31
CA ALA A 57 -2.74 2.42 11.58
C ALA A 57 -2.43 0.96 11.83
N GLY A 58 -1.16 0.74 12.04
CA GLY A 58 -0.62 -0.57 12.28
C GLY A 58 -0.87 -1.00 13.71
N LYS A 59 -0.61 -0.07 14.65
CA LYS A 59 -0.86 -0.35 16.08
C LYS A 59 -2.30 -0.71 16.28
N LEU A 60 -3.15 0.06 15.62
CA LEU A 60 -4.57 -0.11 15.68
C LEU A 60 -5.03 -1.35 14.94
N ALA A 61 -4.35 -1.61 13.84
CA ALA A 61 -4.74 -2.74 13.04
C ALA A 61 -4.48 -4.00 13.81
N GLY A 62 -3.42 -3.91 14.60
CA GLY A 62 -3.01 -5.03 15.45
C GLY A 62 -4.03 -5.32 16.53
N ALA A 63 -4.60 -4.25 17.07
CA ALA A 63 -5.57 -4.38 18.15
C ALA A 63 -6.84 -5.02 17.66
N MET A 64 -7.24 -4.64 16.45
CA MET A 64 -8.42 -5.17 15.79
C MET A 64 -8.33 -6.68 15.57
N THR A 65 -7.15 -7.15 15.16
CA THR A 65 -6.98 -8.58 14.92
C THR A 65 -7.26 -9.36 16.21
N LEU A 66 -6.90 -8.75 17.34
CA LEU A 66 -7.06 -9.34 18.64
C LEU A 66 -8.49 -9.30 19.11
N LYS A 67 -9.07 -8.12 18.98
CA LYS A 67 -10.45 -7.90 19.36
C LYS A 67 -11.37 -8.87 18.63
N MET A 68 -11.15 -9.07 17.33
CA MET A 68 -12.02 -9.95 16.60
C MET A 68 -11.97 -11.32 17.15
N ALA A 69 -10.73 -11.79 17.34
CA ALA A 69 -10.42 -13.12 17.82
C ALA A 69 -10.97 -13.44 19.21
N VAL A 70 -10.61 -12.58 20.17
CA VAL A 70 -11.03 -12.75 21.53
C VAL A 70 -12.54 -12.60 21.69
N SER A 71 -13.15 -11.81 20.80
CA SER A 71 -14.59 -11.62 20.82
C SER A 71 -15.34 -12.66 20.04
N ASN A 72 -14.60 -13.63 19.53
CA ASN A 72 -15.20 -14.67 18.74
C ASN A 72 -15.91 -14.18 17.49
N LEU A 73 -15.28 -13.19 16.86
CA LEU A 73 -15.76 -12.59 15.64
C LEU A 73 -14.95 -13.15 14.49
N PRO A 74 -15.68 -13.48 13.44
CA PRO A 74 -15.14 -14.07 12.22
C PRO A 74 -14.59 -13.02 11.24
N MET A 75 -13.61 -12.31 11.69
CA MET A 75 -13.04 -11.30 10.86
C MET A 75 -11.60 -11.15 11.29
N GLY A 76 -10.86 -10.41 10.49
CA GLY A 76 -9.47 -10.13 10.74
C GLY A 76 -9.34 -8.69 11.13
N GLY A 77 -8.12 -8.17 11.21
CA GLY A 77 -8.05 -6.79 11.60
C GLY A 77 -7.25 -5.91 10.67
N GLY A 78 -7.75 -4.66 10.55
CA GLY A 78 -7.19 -3.61 9.73
C GLY A 78 -7.61 -2.25 10.23
N LYS A 79 -6.99 -1.21 9.71
CA LYS A 79 -7.34 0.14 10.11
C LYS A 79 -6.90 1.08 9.04
N SER A 80 -7.76 2.09 8.80
CA SER A 80 -7.46 3.13 7.85
C SER A 80 -7.17 4.40 8.68
N VAL A 81 -6.21 5.14 8.22
CA VAL A 81 -5.85 6.37 8.86
C VAL A 81 -5.70 7.44 7.81
N ILE A 82 -6.50 8.50 7.91
CA ILE A 82 -6.36 9.57 6.94
C ILE A 82 -5.60 10.73 7.55
N ALA A 83 -4.39 10.89 7.11
CA ALA A 83 -3.61 11.96 7.64
C ALA A 83 -4.04 13.27 7.02
N LEU A 84 -4.61 14.13 7.88
CA LEU A 84 -5.10 15.45 7.51
C LEU A 84 -4.01 16.49 7.35
N PRO A 85 -4.27 17.41 6.44
CA PRO A 85 -3.39 18.52 6.09
C PRO A 85 -3.66 19.75 6.94
N ALA A 86 -4.70 19.64 7.73
CA ALA A 86 -5.14 20.66 8.63
C ALA A 86 -6.05 20.01 9.65
N PRO A 87 -6.43 20.77 10.68
CA PRO A 87 -7.31 20.21 11.67
C PRO A 87 -8.64 19.83 11.01
N ARG A 88 -9.26 18.75 11.49
CA ARG A 88 -10.52 18.25 10.96
C ARG A 88 -11.56 19.35 10.71
N HIS A 89 -11.69 20.26 11.69
CA HIS A 89 -12.64 21.39 11.69
C HIS A 89 -12.45 22.44 10.61
N SER A 90 -11.21 22.59 10.15
CA SER A 90 -10.88 23.56 9.12
C SER A 90 -11.08 22.99 7.72
N ILE A 91 -11.43 21.71 7.68
CA ILE A 91 -11.63 21.06 6.41
C ILE A 91 -12.99 21.42 5.85
N ASP A 92 -12.99 21.99 4.65
CA ASP A 92 -14.24 22.36 4.03
C ASP A 92 -15.03 21.12 3.59
N PRO A 93 -16.37 21.14 3.82
CA PRO A 93 -17.25 20.05 3.45
C PRO A 93 -16.94 19.46 2.08
N SER A 94 -16.42 20.31 1.19
CA SER A 94 -16.07 19.89 -0.16
C SER A 94 -14.84 19.01 -0.14
N THR A 95 -13.75 19.58 0.31
CA THR A 95 -12.55 18.82 0.41
C THR A 95 -12.81 17.50 1.12
N TRP A 96 -13.57 17.61 2.18
CA TRP A 96 -13.86 16.43 2.93
C TRP A 96 -14.53 15.38 2.10
N ALA A 97 -15.41 15.83 1.22
CA ALA A 97 -16.11 14.88 0.38
C ALA A 97 -15.17 14.24 -0.63
N ARG A 98 -14.19 15.01 -1.02
CA ARG A 98 -13.27 14.50 -1.99
C ARG A 98 -12.44 13.44 -1.33
N ILE A 99 -11.92 13.84 -0.18
CA ILE A 99 -11.13 12.96 0.62
C ILE A 99 -11.88 11.62 0.86
N LEU A 100 -13.16 11.73 1.14
CA LEU A 100 -13.98 10.55 1.38
C LEU A 100 -14.00 9.63 0.15
N ARG A 101 -14.27 10.26 -0.99
CA ARG A 101 -14.34 9.53 -2.23
C ARG A 101 -13.05 8.83 -2.51
N ILE A 102 -11.95 9.60 -2.40
CA ILE A 102 -10.65 9.00 -2.63
C ILE A 102 -10.46 7.84 -1.68
N HIS A 103 -10.88 8.06 -0.42
CA HIS A 103 -10.79 7.00 0.55
C HIS A 103 -11.50 5.79 0.05
N ALA A 104 -12.75 6.01 -0.36
CA ALA A 104 -13.57 4.92 -0.85
C ALA A 104 -13.01 4.14 -2.04
N GLU A 105 -12.22 4.77 -2.91
CA GLU A 105 -11.66 4.07 -4.06
C GLU A 105 -10.63 3.03 -3.67
N ASN A 106 -9.77 3.42 -2.73
CA ASN A 106 -8.74 2.54 -2.23
C ASN A 106 -9.38 1.29 -1.72
N ILE A 107 -10.35 1.50 -0.86
CA ILE A 107 -11.07 0.39 -0.27
C ILE A 107 -11.62 -0.50 -1.36
N ASP A 108 -12.07 0.14 -2.41
CA ASP A 108 -12.65 -0.60 -3.48
C ASP A 108 -11.66 -1.51 -4.12
N LYS A 109 -10.44 -1.04 -4.22
CA LYS A 109 -9.42 -1.83 -4.83
C LYS A 109 -9.19 -3.13 -4.11
N LEU A 110 -9.29 -3.14 -2.77
CA LEU A 110 -9.12 -4.36 -1.99
C LEU A 110 -10.25 -5.36 -2.13
N SER A 111 -11.26 -4.95 -2.85
CA SER A 111 -12.41 -5.79 -3.13
C SER A 111 -12.96 -6.69 -2.03
N GLY A 112 -13.24 -6.17 -0.84
CA GLY A 112 -13.82 -6.99 0.20
C GLY A 112 -12.86 -7.56 1.24
N ASN A 113 -11.55 -7.37 1.02
CA ASN A 113 -10.56 -7.86 1.94
C ASN A 113 -10.48 -7.00 3.13
N TYR A 114 -11.05 -5.80 2.98
CA TYR A 114 -11.12 -4.79 4.01
C TYR A 114 -12.51 -4.13 4.12
N TRP A 115 -13.11 -4.23 5.31
CA TRP A 115 -14.40 -3.62 5.61
C TRP A 115 -14.13 -2.43 6.55
N THR A 116 -14.68 -1.24 6.30
CA THR A 116 -14.39 -0.12 7.19
C THR A 116 -15.57 0.31 8.05
N GLY A 117 -15.34 1.30 8.88
CA GLY A 117 -16.34 1.81 9.78
C GLY A 117 -15.88 3.13 10.38
N PRO A 118 -16.74 3.67 11.22
CA PRO A 118 -16.43 4.93 11.84
C PRO A 118 -15.47 4.75 12.98
N ASP A 119 -14.59 5.73 13.05
CA ASP A 119 -13.57 5.86 14.07
C ASP A 119 -13.50 7.34 14.43
N VAL A 120 -12.35 7.74 14.92
CA VAL A 120 -12.17 9.12 15.28
C VAL A 120 -12.32 10.02 14.09
N ASN A 121 -13.11 11.07 14.29
CA ASN A 121 -13.43 12.09 13.30
C ASN A 121 -14.25 11.58 12.12
N THR A 122 -14.80 10.40 12.30
CA THR A 122 -15.60 9.84 11.27
C THR A 122 -16.92 9.36 11.84
N ASN A 123 -18.02 9.51 11.05
CA ASN A 123 -19.35 9.08 11.51
C ASN A 123 -20.18 8.26 10.52
N SER A 124 -21.43 7.99 10.90
CA SER A 124 -22.36 7.25 10.07
C SER A 124 -22.49 7.83 8.67
N ALA A 125 -22.65 9.16 8.63
CA ALA A 125 -22.79 9.97 7.43
C ALA A 125 -21.64 9.84 6.45
N ASP A 126 -20.42 9.95 6.97
CA ASP A 126 -19.23 9.80 6.17
C ASP A 126 -19.23 8.37 5.56
N MET A 127 -19.78 7.42 6.31
CA MET A 127 -19.89 6.03 5.89
C MET A 127 -20.92 5.93 4.80
N ASP A 128 -21.89 6.83 4.86
CA ASP A 128 -22.93 6.83 3.87
C ASP A 128 -22.32 7.27 2.55
N THR A 129 -21.46 8.28 2.65
CA THR A 129 -20.73 8.83 1.51
C THR A 129 -19.76 7.82 0.95
N LEU A 130 -19.00 7.22 1.84
CA LEU A 130 -18.08 6.20 1.39
C LEU A 130 -18.88 5.21 0.60
N ASN A 131 -20.06 4.93 1.14
CA ASN A 131 -20.99 4.00 0.53
C ASN A 131 -21.47 4.36 -0.88
N ASP A 132 -21.22 5.60 -1.27
CA ASP A 132 -21.62 6.03 -2.59
C ASP A 132 -20.70 5.43 -3.62
N THR A 133 -19.48 5.15 -3.18
CA THR A 133 -18.44 4.60 -4.01
C THR A 133 -18.14 3.13 -3.75
N THR A 134 -17.98 2.79 -2.48
CA THR A 134 -17.68 1.42 -2.12
C THR A 134 -18.83 0.83 -1.34
N GLU A 135 -18.87 -0.48 -1.32
CA GLU A 135 -19.92 -1.18 -0.66
C GLU A 135 -19.47 -1.84 0.62
N PHE A 136 -18.17 -1.95 0.80
CA PHE A 136 -17.60 -2.57 1.99
C PHE A 136 -17.51 -1.62 3.18
N VAL A 137 -18.67 -1.13 3.63
CA VAL A 137 -18.73 -0.22 4.73
C VAL A 137 -19.71 -0.72 5.77
N PHE A 138 -19.32 -0.56 7.03
CA PHE A 138 -20.15 -0.93 8.15
C PHE A 138 -20.54 0.38 8.85
N GLY A 139 -21.58 0.34 9.67
CA GLY A 139 -21.95 1.54 10.41
C GLY A 139 -22.63 2.64 9.62
N ARG A 140 -23.22 2.25 8.52
CA ARG A 140 -23.94 3.21 7.75
C ARG A 140 -25.19 3.58 8.51
N SER A 141 -25.79 4.70 8.12
CA SER A 141 -27.02 5.12 8.73
C SER A 141 -28.00 3.94 8.73
N LEU A 142 -29.03 4.03 9.56
CA LEU A 142 -30.00 2.95 9.65
C LEU A 142 -30.80 2.88 8.37
N GLU A 143 -31.23 4.05 7.95
CA GLU A 143 -32.03 4.25 6.77
C GLU A 143 -31.24 3.94 5.51
N ARG A 144 -29.94 3.87 5.67
CA ARG A 144 -29.11 3.55 4.54
C ARG A 144 -29.00 2.04 4.51
N GLY A 145 -29.28 1.45 5.67
CA GLY A 145 -29.24 0.00 5.86
C GLY A 145 -28.10 -0.47 6.75
N GLY A 146 -27.43 0.49 7.36
CA GLY A 146 -26.34 0.21 8.26
C GLY A 146 -26.93 -0.11 9.62
N ALA A 147 -26.07 -0.51 10.55
CA ALA A 147 -26.57 -0.79 11.87
C ALA A 147 -26.47 0.47 12.71
N GLY A 148 -25.98 1.55 12.11
CA GLY A 148 -25.82 2.82 12.79
C GLY A 148 -24.65 2.85 13.75
N SER A 149 -24.84 3.60 14.84
CA SER A 149 -23.86 3.84 15.92
C SER A 149 -23.53 2.73 16.88
N SER A 150 -22.25 2.38 16.91
CA SER A 150 -21.77 1.36 17.83
C SER A 150 -21.49 1.85 19.27
N ALA A 151 -21.51 3.19 19.50
CA ALA A 151 -21.25 3.82 20.77
C ALA A 151 -21.90 3.22 21.98
N PHE A 152 -23.20 3.09 21.94
CA PHE A 152 -23.88 2.55 23.09
C PHE A 152 -23.51 1.12 23.47
N THR A 153 -23.21 0.29 22.46
CA THR A 153 -22.83 -1.10 22.73
C THR A 153 -21.44 -1.14 23.30
N THR A 154 -20.66 -0.20 22.82
CA THR A 154 -19.31 -0.07 23.27
C THR A 154 -19.30 0.19 24.76
N ALA A 155 -20.09 1.19 25.20
CA ALA A 155 -20.26 1.62 26.59
C ALA A 155 -20.80 0.53 27.49
N VAL A 156 -21.75 -0.22 26.97
CA VAL A 156 -22.30 -1.30 27.73
C VAL A 156 -21.19 -2.26 28.02
N GLY A 157 -20.55 -2.68 26.93
CA GLY A 157 -19.44 -3.60 27.05
C GLY A 157 -18.38 -3.05 28.02
N VAL A 158 -17.96 -1.81 27.80
CA VAL A 158 -16.96 -1.20 28.67
C VAL A 158 -17.44 -1.20 30.12
N PHE A 159 -18.73 -0.93 30.26
CA PHE A 159 -19.34 -0.88 31.55
C PHE A 159 -19.21 -2.19 32.29
N GLU A 160 -19.68 -3.24 31.62
CA GLU A 160 -19.69 -4.59 32.15
C GLU A 160 -18.32 -5.09 32.60
N ALA A 161 -17.31 -4.62 31.87
CA ALA A 161 -15.91 -4.93 32.07
C ALA A 161 -15.35 -4.28 33.31
N MET A 162 -15.79 -3.04 33.51
CA MET A 162 -15.35 -2.29 34.64
C MET A 162 -15.81 -2.99 35.91
N LYS A 163 -17.08 -3.38 35.90
CA LYS A 163 -17.71 -4.03 37.03
C LYS A 163 -17.04 -5.33 37.38
N ALA A 164 -16.77 -6.10 36.36
CA ALA A 164 -16.11 -7.35 36.61
C ALA A 164 -14.72 -7.10 37.15
N THR A 165 -14.08 -6.08 36.63
CA THR A 165 -12.73 -5.75 37.03
C THR A 165 -12.67 -5.29 38.45
N VAL A 166 -13.56 -4.36 38.72
CA VAL A 166 -13.63 -3.79 40.03
C VAL A 166 -13.81 -4.90 41.03
N ALA A 167 -14.69 -5.79 40.64
CA ALA A 167 -15.02 -6.95 41.42
C ALA A 167 -13.83 -7.83 41.69
N HIS A 168 -13.06 -8.06 40.66
CA HIS A 168 -11.93 -8.93 40.87
C HIS A 168 -10.90 -8.24 41.73
N ARG A 169 -10.90 -6.93 41.64
CA ARG A 169 -9.96 -6.20 42.42
C ARG A 169 -10.19 -6.43 43.90
N GLY A 170 -11.47 -6.42 44.30
CA GLY A 170 -11.85 -6.62 45.67
C GLY A 170 -12.60 -5.40 46.14
N LEU A 171 -13.02 -4.61 45.17
CA LEU A 171 -13.76 -3.40 45.46
C LEU A 171 -15.26 -3.67 45.60
N GLY A 172 -15.65 -4.91 45.30
CA GLY A 172 -17.05 -5.30 45.37
C GLY A 172 -17.91 -4.68 44.28
N SER A 173 -18.77 -3.74 44.67
CA SER A 173 -19.62 -3.12 43.68
C SER A 173 -19.11 -1.76 43.35
N LEU A 174 -19.69 -1.20 42.28
CA LEU A 174 -19.40 0.12 41.74
C LEU A 174 -20.05 1.15 42.60
N ASP A 175 -20.98 0.67 43.43
CA ASP A 175 -21.70 1.53 44.35
C ASP A 175 -20.71 2.17 45.31
N GLY A 176 -20.73 3.50 45.37
CA GLY A 176 -19.84 4.21 46.26
C GLY A 176 -18.44 4.53 45.75
N LEU A 177 -18.01 3.90 44.64
CA LEU A 177 -16.67 4.15 44.11
C LEU A 177 -16.55 5.45 43.36
N THR A 178 -15.31 5.88 43.24
CA THR A 178 -15.03 7.09 42.53
C THR A 178 -14.49 6.77 41.15
N VAL A 179 -15.24 7.15 40.14
CA VAL A 179 -14.86 6.90 38.77
C VAL A 179 -14.44 8.18 38.06
N LEU A 180 -13.29 8.10 37.43
CA LEU A 180 -12.75 9.21 36.72
C LEU A 180 -12.83 8.93 35.24
N VAL A 181 -13.78 9.59 34.56
CA VAL A 181 -14.00 9.43 33.13
C VAL A 181 -13.33 10.48 32.26
N GLN A 182 -12.32 10.04 31.50
CA GLN A 182 -11.59 10.96 30.65
C GLN A 182 -12.12 10.91 29.25
N GLY A 183 -12.89 11.93 28.89
CA GLY A 183 -13.47 11.99 27.57
C GLY A 183 -14.87 11.49 27.66
N LEU A 184 -15.75 12.45 27.58
CA LEU A 184 -17.14 12.11 27.65
C LEU A 184 -17.78 12.14 26.28
N GLY A 185 -17.13 11.63 25.25
CA GLY A 185 -17.76 11.67 23.95
C GLY A 185 -19.00 10.79 23.91
N ALA A 186 -19.19 10.20 22.74
CA ALA A 186 -20.30 9.30 22.52
C ALA A 186 -20.22 8.10 23.44
N VAL A 187 -19.00 7.56 23.61
CA VAL A 187 -18.81 6.42 24.48
C VAL A 187 -18.82 6.81 25.97
N GLY A 188 -17.89 7.67 26.36
CA GLY A 188 -17.75 8.12 27.74
C GLY A 188 -19.00 8.74 28.32
N GLY A 189 -19.70 9.48 27.45
CA GLY A 189 -20.93 10.12 27.89
C GLY A 189 -21.82 9.07 28.54
N SER A 190 -22.14 8.06 27.73
CA SER A 190 -22.99 6.92 28.09
C SER A 190 -22.48 6.05 29.24
N LEU A 191 -21.16 5.94 29.35
CA LEU A 191 -20.58 5.14 30.40
C LEU A 191 -20.79 5.84 31.72
N ALA A 192 -20.63 7.17 31.66
CA ALA A 192 -20.82 7.94 32.86
C ALA A 192 -22.22 7.65 33.33
N SER A 193 -23.12 7.74 32.38
CA SER A 193 -24.51 7.48 32.68
C SER A 193 -24.74 6.12 33.34
N LEU A 194 -24.16 5.06 32.78
CA LEU A 194 -24.39 3.76 33.40
C LEU A 194 -23.69 3.66 34.75
N ALA A 195 -22.49 4.22 34.83
CA ALA A 195 -21.77 4.15 36.09
C ALA A 195 -22.55 4.86 37.18
N ALA A 196 -23.13 6.00 36.79
CA ALA A 196 -23.90 6.82 37.71
C ALA A 196 -25.00 6.04 38.40
N GLU A 197 -25.83 5.40 37.58
CA GLU A 197 -26.93 4.62 38.12
C GLU A 197 -26.55 3.35 38.88
N ALA A 198 -25.26 2.99 38.79
CA ALA A 198 -24.78 1.82 39.50
C ALA A 198 -24.33 2.25 40.88
N GLY A 199 -24.34 3.56 41.10
CA GLY A 199 -23.97 4.10 42.40
C GLY A 199 -22.59 4.73 42.49
N ALA A 200 -21.84 4.63 41.42
CA ALA A 200 -20.53 5.21 41.42
C ALA A 200 -20.63 6.74 41.53
N GLN A 201 -19.51 7.35 41.91
CA GLN A 201 -19.38 8.79 42.02
C GLN A 201 -18.57 9.22 40.81
N LEU A 202 -18.90 10.33 40.17
CA LEU A 202 -18.12 10.67 38.99
C LEU A 202 -17.35 11.94 38.95
N LEU A 203 -16.15 11.74 38.45
CA LEU A 203 -15.21 12.79 38.19
C LEU A 203 -15.18 12.84 36.66
N VAL A 204 -15.20 13.99 36.05
CA VAL A 204 -15.23 13.96 34.61
C VAL A 204 -14.22 14.90 34.05
N ALA A 205 -13.90 14.73 32.76
CA ALA A 205 -12.92 15.55 32.10
C ALA A 205 -13.15 15.54 30.63
N ASP A 206 -12.95 16.71 30.06
CA ASP A 206 -13.16 16.85 28.66
C ASP A 206 -12.83 18.26 28.18
N THR A 207 -12.26 18.28 26.98
CA THR A 207 -11.86 19.50 26.32
C THR A 207 -13.10 20.32 25.97
N ASP A 208 -14.20 19.61 25.76
CA ASP A 208 -15.45 20.27 25.43
C ASP A 208 -16.07 20.78 26.72
N THR A 209 -16.18 22.09 26.79
CA THR A 209 -16.71 22.75 27.97
C THR A 209 -18.21 22.72 28.22
N GLU A 210 -19.01 22.33 27.24
CA GLU A 210 -20.43 22.31 27.49
C GLU A 210 -20.82 20.92 27.98
N ARG A 211 -19.95 20.00 27.59
CA ARG A 211 -20.08 18.61 27.93
C ARG A 211 -19.78 18.42 29.40
N VAL A 212 -18.82 19.25 29.84
CA VAL A 212 -18.36 19.31 31.21
C VAL A 212 -19.37 20.07 32.06
N ALA A 213 -19.86 21.17 31.48
CA ALA A 213 -20.85 22.03 32.09
C ALA A 213 -22.07 21.20 32.44
N HIS A 214 -22.43 20.39 31.45
CA HIS A 214 -23.55 19.48 31.43
C HIS A 214 -23.47 18.40 32.54
N ALA A 215 -22.36 17.64 32.54
CA ALA A 215 -22.08 16.60 33.51
C ALA A 215 -22.09 17.22 34.89
N VAL A 216 -21.56 18.44 34.97
CA VAL A 216 -21.59 19.14 36.22
C VAL A 216 -23.04 19.27 36.72
N ALA A 217 -23.92 19.75 35.86
CA ALA A 217 -25.33 19.92 36.20
C ALA A 217 -26.02 18.64 36.66
N LEU A 218 -25.44 17.50 36.30
CA LEU A 218 -25.98 16.20 36.65
C LEU A 218 -25.48 15.61 37.97
N GLY A 219 -24.70 16.39 38.70
CA GLY A 219 -24.19 15.92 39.98
C GLY A 219 -22.70 15.62 40.01
N HIS A 220 -22.19 15.41 38.80
CA HIS A 220 -20.82 15.07 38.54
C HIS A 220 -19.85 16.15 38.87
N THR A 221 -18.67 15.71 39.26
CA THR A 221 -17.59 16.60 39.62
C THR A 221 -16.60 16.64 38.46
N ALA A 222 -16.30 17.82 37.98
CA ALA A 222 -15.39 17.92 36.87
C ALA A 222 -13.94 17.97 37.33
N VAL A 223 -13.06 17.70 36.38
CA VAL A 223 -11.65 17.72 36.68
C VAL A 223 -10.91 18.51 35.63
N ALA A 224 -9.84 19.15 36.07
CA ALA A 224 -9.01 19.92 35.17
C ALA A 224 -8.24 18.98 34.28
N LEU A 225 -8.07 19.38 33.04
CA LEU A 225 -7.35 18.55 32.10
C LEU A 225 -6.04 18.09 32.66
N GLU A 226 -5.21 19.09 32.85
CA GLU A 226 -3.87 18.98 33.36
C GLU A 226 -3.76 18.20 34.65
N ASP A 227 -4.89 18.04 35.34
CA ASP A 227 -4.94 17.32 36.61
C ASP A 227 -5.59 15.96 36.48
N VAL A 228 -5.77 15.58 35.25
CA VAL A 228 -6.41 14.33 35.02
C VAL A 228 -5.62 13.12 35.52
N LEU A 229 -4.31 13.12 35.33
CA LEU A 229 -3.55 11.97 35.78
C LEU A 229 -3.05 12.08 37.22
N SER A 230 -3.44 13.14 37.91
CA SER A 230 -2.98 13.35 39.27
C SER A 230 -4.11 13.24 40.26
N THR A 231 -5.27 12.90 39.74
CA THR A 231 -6.47 12.75 40.55
C THR A 231 -6.69 11.32 41.03
N PRO A 232 -6.79 11.20 42.36
CA PRO A 232 -7.00 9.92 43.00
C PRO A 232 -8.39 9.42 42.70
N CYS A 233 -8.51 8.16 42.37
CA CYS A 233 -9.81 7.61 42.08
C CYS A 233 -9.85 6.12 42.34
N ASP A 234 -10.99 5.51 42.14
CA ASP A 234 -11.03 4.09 42.36
C ASP A 234 -10.80 3.47 40.99
N VAL A 235 -11.50 4.02 40.01
CA VAL A 235 -11.42 3.56 38.64
C VAL A 235 -11.06 4.68 37.68
N PHE A 236 -10.15 4.36 36.77
CA PHE A 236 -9.72 5.29 35.74
C PHE A 236 -10.27 4.74 34.45
N ALA A 237 -11.10 5.54 33.76
CA ALA A 237 -11.72 5.18 32.50
C ALA A 237 -11.32 6.14 31.40
N PRO A 238 -10.27 5.78 30.68
CA PRO A 238 -9.77 6.59 29.59
C PRO A 238 -10.67 6.39 28.40
N CYS A 239 -11.56 7.34 28.18
CA CYS A 239 -12.48 7.22 27.06
C CYS A 239 -12.26 8.23 25.95
N ALA A 240 -11.03 8.71 25.83
CA ALA A 240 -10.71 9.69 24.82
C ALA A 240 -9.56 9.21 23.91
N MET A 241 -8.36 9.70 24.15
CA MET A 241 -7.23 9.28 23.34
C MET A 241 -6.51 8.08 23.96
N GLY A 242 -5.73 7.44 23.09
CA GLY A 242 -4.97 6.28 23.50
C GLY A 242 -3.53 6.66 23.83
N GLY A 243 -2.79 5.68 24.34
CA GLY A 243 -1.41 5.86 24.72
C GLY A 243 -1.32 6.84 25.87
N VAL A 244 -2.33 6.88 26.74
CA VAL A 244 -2.29 7.83 27.85
C VAL A 244 -1.41 7.25 28.93
N ILE A 245 -1.27 5.92 28.90
CA ILE A 245 -0.49 5.21 29.89
C ILE A 245 0.98 4.93 29.49
N THR A 246 1.82 5.86 29.90
CA THR A 246 3.25 5.80 29.69
C THR A 246 3.93 5.08 30.85
N THR A 247 5.22 4.82 30.73
CA THR A 247 5.88 4.15 31.82
C THR A 247 5.87 5.01 33.06
N GLU A 248 6.14 6.28 32.84
CA GLU A 248 6.19 7.29 33.88
C GLU A 248 4.84 7.50 34.47
N VAL A 249 3.81 7.43 33.66
CA VAL A 249 2.48 7.61 34.21
C VAL A 249 2.02 6.36 34.93
N ALA A 250 2.55 5.19 34.54
CA ALA A 250 2.13 3.90 35.13
C ALA A 250 2.45 3.70 36.63
N ARG A 251 3.47 4.44 37.04
CA ARG A 251 4.14 4.48 38.32
C ARG A 251 3.57 5.47 39.33
N THR A 252 2.96 6.53 38.82
CA THR A 252 2.37 7.56 39.64
C THR A 252 0.84 7.52 39.67
N LEU A 253 0.24 6.76 38.77
CA LEU A 253 -1.20 6.68 38.69
C LEU A 253 -1.81 6.34 40.03
N ASP A 254 -2.90 7.03 40.42
CA ASP A 254 -3.57 6.78 41.70
C ASP A 254 -4.99 6.22 41.60
N CYS A 255 -5.11 4.92 41.38
CA CYS A 255 -6.38 4.26 41.23
C CYS A 255 -6.20 2.80 41.46
N SER A 256 -7.27 2.06 41.46
CA SER A 256 -7.11 0.63 41.71
C SER A 256 -7.47 -0.18 40.49
N VAL A 257 -8.03 0.49 39.52
CA VAL A 257 -8.43 -0.16 38.30
C VAL A 257 -8.37 0.77 37.12
N VAL A 258 -8.09 0.15 35.99
CA VAL A 258 -8.07 0.88 34.73
C VAL A 258 -9.07 0.15 33.83
N ALA A 259 -10.10 0.86 33.35
CA ALA A 259 -11.15 0.32 32.47
C ALA A 259 -11.86 1.36 31.60
N GLY A 260 -11.39 1.53 30.35
CA GLY A 260 -11.93 2.52 29.44
C GLY A 260 -12.30 2.01 28.06
N ALA A 261 -12.60 2.95 27.17
CA ALA A 261 -13.04 2.64 25.81
C ALA A 261 -11.99 2.79 24.74
N ALA A 262 -10.96 3.56 25.07
CA ALA A 262 -9.85 3.88 24.22
C ALA A 262 -9.05 2.68 23.74
N ASN A 263 -8.57 2.86 22.50
CA ASN A 263 -7.73 1.90 21.85
C ASN A 263 -6.29 2.30 22.15
N ASN A 264 -5.43 1.31 22.34
CA ASN A 264 -4.04 1.56 22.64
C ASN A 264 -3.79 2.38 23.90
N VAL A 265 -4.46 2.00 24.97
CA VAL A 265 -4.29 2.72 26.21
C VAL A 265 -2.82 2.76 26.62
N ILE A 266 -2.23 1.57 26.67
CA ILE A 266 -0.84 1.42 27.01
C ILE A 266 0.09 2.04 25.99
N ALA A 267 0.85 3.04 26.43
CA ALA A 267 1.76 3.66 25.50
C ALA A 267 2.99 2.77 25.37
N ASP A 268 3.23 1.97 26.44
CA ASP A 268 4.39 1.08 26.49
C ASP A 268 4.24 -0.14 27.36
N GLU A 269 4.99 -1.18 26.94
CA GLU A 269 5.06 -2.48 27.58
C GLU A 269 5.23 -2.37 29.10
N ALA A 270 6.39 -1.83 29.47
CA ALA A 270 6.75 -1.62 30.86
C ALA A 270 5.62 -1.06 31.69
N ALA A 271 4.79 -0.24 31.03
CA ALA A 271 3.64 0.35 31.69
C ALA A 271 2.69 -0.73 32.16
N SER A 272 2.45 -1.69 31.31
CA SER A 272 1.56 -2.73 31.76
C SER A 272 2.16 -3.53 32.92
N ASP A 273 3.48 -3.65 32.96
CA ASP A 273 4.18 -4.36 34.04
C ASP A 273 4.13 -3.57 35.34
N ILE A 274 4.28 -2.24 35.23
CA ILE A 274 4.24 -1.32 36.35
C ILE A 274 2.90 -1.37 37.03
N LEU A 275 1.84 -1.21 36.23
CA LEU A 275 0.52 -1.23 36.79
C LEU A 275 0.31 -2.57 37.44
N HIS A 276 0.65 -3.61 36.72
CA HIS A 276 0.46 -4.93 37.27
C HIS A 276 1.18 -5.04 38.61
N ALA A 277 2.43 -4.63 38.62
CA ALA A 277 3.20 -4.70 39.84
C ALA A 277 2.72 -3.76 40.91
N ARG A 278 2.08 -2.65 40.54
CA ARG A 278 1.64 -1.71 41.55
C ARG A 278 0.30 -2.12 42.11
N GLY A 279 -0.21 -3.20 41.55
CA GLY A 279 -1.50 -3.70 42.00
C GLY A 279 -2.68 -2.97 41.39
N ILE A 280 -2.46 -2.21 40.32
CA ILE A 280 -3.57 -1.54 39.67
C ILE A 280 -4.08 -2.55 38.67
N LEU A 281 -5.32 -3.00 38.79
CA LEU A 281 -5.89 -3.98 37.86
C LEU A 281 -6.35 -3.32 36.55
N TYR A 282 -5.81 -3.77 35.41
CA TYR A 282 -6.15 -3.23 34.12
C TYR A 282 -6.93 -4.17 33.21
N ALA A 283 -8.09 -3.71 32.72
CA ALA A 283 -8.91 -4.51 31.80
C ALA A 283 -8.41 -4.19 30.38
N PRO A 284 -7.75 -5.16 29.76
CA PRO A 284 -7.19 -4.93 28.45
C PRO A 284 -8.18 -4.34 27.48
N ASP A 285 -7.77 -3.20 26.96
CA ASP A 285 -8.52 -2.39 25.99
C ASP A 285 -9.13 -3.23 24.86
N PHE A 286 -8.31 -4.00 24.14
CA PHE A 286 -8.83 -4.81 23.04
C PHE A 286 -9.94 -5.77 23.52
N VAL A 287 -10.09 -5.90 24.82
CA VAL A 287 -11.13 -6.80 25.28
C VAL A 287 -12.40 -6.07 25.64
N ALA A 288 -12.24 -5.06 26.48
CA ALA A 288 -13.34 -4.25 26.98
C ALA A 288 -14.07 -3.32 25.97
N ASN A 289 -13.36 -2.86 24.94
CA ASN A 289 -13.90 -1.94 23.93
C ASN A 289 -14.46 -2.62 22.67
N ALA A 290 -14.59 -3.95 22.75
CA ALA A 290 -15.08 -4.81 21.68
C ALA A 290 -16.57 -4.68 21.38
N GLY A 291 -17.29 -3.98 22.27
CA GLY A 291 -18.70 -3.77 22.12
C GLY A 291 -19.16 -3.32 20.76
N GLY A 292 -18.38 -2.42 20.16
CA GLY A 292 -18.68 -1.84 18.86
C GLY A 292 -18.45 -2.78 17.71
N ALA A 293 -17.39 -3.57 17.80
CA ALA A 293 -17.18 -4.50 16.73
C ALA A 293 -18.30 -5.54 16.80
N ILE A 294 -18.65 -5.88 18.03
CA ILE A 294 -19.69 -6.86 18.26
C ILE A 294 -20.99 -6.54 17.58
N HIS A 295 -21.37 -5.28 17.74
CA HIS A 295 -22.56 -4.69 17.19
C HIS A 295 -22.52 -4.66 15.67
N LEU A 296 -21.48 -4.03 15.15
CA LEU A 296 -21.32 -3.92 13.73
C LEU A 296 -21.32 -5.28 13.06
N VAL A 297 -20.35 -6.10 13.41
CA VAL A 297 -20.30 -7.42 12.79
C VAL A 297 -21.54 -8.23 13.11
N GLY A 298 -21.86 -8.28 14.39
CA GLY A 298 -22.98 -9.04 14.81
C GLY A 298 -24.20 -8.77 13.97
N ARG A 299 -24.47 -7.52 13.74
CA ARG A 299 -25.68 -7.18 13.01
C ARG A 299 -25.59 -7.18 11.50
N GLU A 300 -24.54 -6.50 11.04
CA GLU A 300 -24.27 -6.30 9.67
C GLU A 300 -23.64 -7.50 8.95
N VAL A 301 -22.99 -8.38 9.68
CA VAL A 301 -22.42 -9.54 9.01
C VAL A 301 -23.23 -10.74 9.42
N LEU A 302 -23.08 -11.05 10.70
CA LEU A 302 -23.70 -12.17 11.36
C LEU A 302 -25.19 -12.15 11.36
N GLY A 303 -25.74 -10.99 11.04
CA GLY A 303 -27.19 -10.92 11.06
C GLY A 303 -27.71 -11.30 12.45
N TRP A 304 -27.29 -10.51 13.43
CA TRP A 304 -27.71 -10.77 14.76
C TRP A 304 -28.73 -9.78 15.23
N SER A 305 -29.55 -10.26 16.14
CA SER A 305 -30.57 -9.47 16.78
C SER A 305 -29.91 -8.43 17.69
N GLU A 306 -30.60 -7.33 17.94
CA GLU A 306 -30.08 -6.31 18.84
C GLU A 306 -29.89 -6.86 20.24
N SER A 307 -30.87 -7.65 20.66
CA SER A 307 -30.90 -8.30 21.97
C SER A 307 -29.69 -9.23 22.16
N VAL A 308 -29.41 -9.96 21.11
CA VAL A 308 -28.31 -10.90 21.09
C VAL A 308 -27.00 -10.14 21.17
N VAL A 309 -26.91 -9.08 20.39
CA VAL A 309 -25.74 -8.25 20.33
C VAL A 309 -25.46 -7.77 21.74
N HIS A 310 -26.56 -7.50 22.41
CA HIS A 310 -26.52 -7.00 23.76
C HIS A 310 -26.02 -8.01 24.74
N GLU A 311 -26.50 -9.23 24.61
CA GLU A 311 -26.02 -10.24 25.52
C GLU A 311 -24.53 -10.40 25.34
N ARG A 312 -24.11 -10.30 24.08
CA ARG A 312 -22.72 -10.47 23.74
C ARG A 312 -21.84 -9.38 24.20
N ALA A 313 -22.39 -8.15 24.24
CA ALA A 313 -21.59 -7.03 24.68
C ALA A 313 -21.41 -7.15 26.15
N VAL A 314 -22.44 -7.73 26.74
CA VAL A 314 -22.45 -7.94 28.15
C VAL A 314 -21.57 -9.09 28.53
N ALA A 315 -21.47 -10.02 27.62
CA ALA A 315 -20.66 -11.17 27.95
C ALA A 315 -19.19 -10.80 28.07
N ILE A 316 -18.87 -9.57 27.72
CA ILE A 316 -17.49 -9.08 27.83
C ILE A 316 -16.87 -9.28 29.22
N GLY A 317 -17.68 -9.16 30.28
CA GLY A 317 -17.19 -9.34 31.66
C GLY A 317 -16.64 -10.73 31.79
N ASP A 318 -17.50 -11.63 31.34
CA ASP A 318 -17.25 -13.04 31.33
C ASP A 318 -15.87 -13.34 30.78
N THR A 319 -15.60 -12.75 29.61
CA THR A 319 -14.30 -12.93 28.98
C THR A 319 -13.21 -12.36 29.85
N LEU A 320 -13.52 -11.25 30.52
CA LEU A 320 -12.52 -10.66 31.38
C LEU A 320 -12.30 -11.54 32.58
N ASN A 321 -13.32 -12.27 33.03
CA ASN A 321 -13.07 -13.11 34.21
C ASN A 321 -12.05 -14.13 33.91
N GLN A 322 -12.21 -14.68 32.73
CA GLN A 322 -11.33 -15.69 32.18
C GLN A 322 -9.91 -15.14 32.04
N VAL A 323 -9.79 -13.94 31.44
CA VAL A 323 -8.51 -13.27 31.26
C VAL A 323 -7.75 -13.19 32.61
N PHE A 324 -8.43 -12.63 33.62
CA PHE A 324 -7.94 -12.46 34.98
C PHE A 324 -7.39 -13.77 35.48
N GLU A 325 -8.26 -14.75 35.49
CA GLU A 325 -7.93 -16.09 35.85
C GLU A 325 -6.57 -16.50 35.26
N ILE A 326 -6.39 -16.40 33.95
CA ILE A 326 -5.12 -16.74 33.31
C ILE A 326 -3.98 -15.97 33.95
N SER A 327 -4.18 -14.68 34.07
CA SER A 327 -3.23 -13.79 34.67
C SER A 327 -2.83 -14.24 36.09
N ASP A 328 -3.80 -14.70 36.85
CA ASP A 328 -3.59 -15.11 38.21
C ASP A 328 -2.91 -16.47 38.38
N ASN A 329 -3.25 -17.42 37.53
CA ASN A 329 -2.67 -18.76 37.60
C ASN A 329 -1.30 -18.86 36.95
N ASP A 330 -1.27 -18.28 35.76
CA ASP A 330 -0.11 -18.25 34.91
C ASP A 330 0.98 -17.30 35.33
N GLY A 331 0.62 -16.29 36.12
CA GLY A 331 1.60 -15.32 36.53
C GLY A 331 1.92 -14.34 35.40
N VAL A 332 0.87 -13.85 34.74
CA VAL A 332 1.07 -12.94 33.65
C VAL A 332 0.18 -11.72 33.82
N THR A 333 0.57 -10.67 33.11
CA THR A 333 -0.22 -9.47 33.15
C THR A 333 -1.49 -9.84 32.41
N PRO A 334 -2.55 -9.10 32.68
CA PRO A 334 -3.82 -9.32 32.02
C PRO A 334 -3.62 -9.09 30.53
N ASP A 335 -2.64 -8.26 30.22
CA ASP A 335 -2.40 -8.05 28.83
C ASP A 335 -1.99 -9.31 28.10
N GLU A 336 -1.11 -10.06 28.74
CA GLU A 336 -0.60 -11.30 28.21
C GLU A 336 -1.64 -12.40 28.22
N ALA A 337 -2.34 -12.52 29.38
CA ALA A 337 -3.38 -13.53 29.62
C ALA A 337 -4.47 -13.45 28.57
N ALA A 338 -4.74 -12.22 28.11
CA ALA A 338 -5.74 -11.91 27.11
C ALA A 338 -5.28 -12.20 25.69
N ARG A 339 -4.02 -11.90 25.35
CA ARG A 339 -3.62 -12.24 24.01
C ARG A 339 -3.66 -13.75 23.87
N THR A 340 -3.29 -14.39 24.96
CA THR A 340 -3.30 -15.82 25.01
C THR A 340 -4.69 -16.31 24.67
N LEU A 341 -5.66 -15.84 25.46
CA LEU A 341 -7.04 -16.21 25.23
C LEU A 341 -7.46 -15.94 23.78
N ALA A 342 -7.13 -14.75 23.27
CA ALA A 342 -7.47 -14.44 21.90
C ALA A 342 -6.87 -15.48 20.98
N GLY A 343 -5.69 -15.93 21.35
CA GLY A 343 -4.97 -16.93 20.57
C GLY A 343 -5.72 -18.27 20.56
N ARG A 344 -6.20 -18.70 21.73
CA ARG A 344 -6.94 -19.95 21.86
C ARG A 344 -8.25 -19.92 21.10
N ARG A 345 -9.05 -18.90 21.39
CA ARG A 345 -10.32 -18.74 20.73
C ARG A 345 -10.14 -18.77 19.23
N ALA A 346 -9.06 -18.15 18.74
CA ALA A 346 -8.77 -18.11 17.33
C ALA A 346 -8.60 -19.51 16.75
N ARG A 347 -7.81 -20.35 17.41
CA ARG A 347 -7.55 -21.71 16.98
C ARG A 347 -8.79 -22.59 17.02
N GLU A 348 -9.53 -22.49 18.11
CA GLU A 348 -10.74 -23.28 18.30
C GLU A 348 -11.78 -22.88 17.28
N ALA A 349 -11.74 -21.57 16.96
CA ALA A 349 -12.62 -20.96 15.98
C ALA A 349 -12.40 -21.58 14.60
N SER A 350 -11.19 -22.09 14.34
CA SER A 350 -10.84 -22.72 13.06
C SER A 350 -11.52 -24.12 12.91
N SER B 2 14.00 9.65 -4.96
CA SER B 2 13.91 10.73 -3.99
C SER B 2 12.68 10.63 -3.10
N ILE B 3 12.66 11.44 -2.03
CA ILE B 3 11.52 11.47 -1.12
C ILE B 3 10.24 11.89 -1.85
N ASP B 4 10.37 12.89 -2.70
CA ASP B 4 9.26 13.40 -3.47
C ASP B 4 8.64 12.25 -4.22
N SER B 5 9.47 11.67 -5.08
CA SER B 5 9.14 10.50 -5.88
C SER B 5 8.78 9.27 -5.04
N ALA B 6 9.18 9.25 -3.78
CA ALA B 6 8.87 8.08 -2.95
C ALA B 6 7.57 8.26 -2.18
N LEU B 7 7.48 9.32 -1.39
CA LEU B 7 6.30 9.54 -0.59
C LEU B 7 5.20 10.36 -1.23
N ASN B 8 5.58 11.37 -2.00
CA ASN B 8 4.58 12.22 -2.63
C ASN B 8 4.17 11.82 -4.04
N TRP B 9 4.14 10.52 -4.30
CA TRP B 9 3.74 10.07 -5.60
C TRP B 9 2.24 10.27 -5.81
N ASP B 10 1.85 10.67 -7.00
CA ASP B 10 0.45 10.87 -7.30
C ASP B 10 -0.36 9.74 -7.99
N GLY B 11 0.23 8.57 -8.12
CA GLY B 11 -0.46 7.43 -8.69
C GLY B 11 -1.68 7.09 -7.86
N GLU B 12 -2.52 6.20 -8.35
CA GLU B 12 -3.73 5.79 -7.62
C GLU B 12 -3.54 4.90 -6.37
N MET B 13 -2.43 4.15 -6.26
CA MET B 13 -2.25 3.27 -5.11
C MET B 13 -0.84 2.78 -4.94
N THR B 14 -0.46 2.57 -3.71
CA THR B 14 0.86 2.07 -3.41
C THR B 14 0.63 0.97 -2.42
N VAL B 15 1.27 -0.13 -2.64
CA VAL B 15 1.12 -1.27 -1.78
C VAL B 15 2.51 -1.71 -1.34
N THR B 16 2.67 -1.91 -0.05
CA THR B 16 3.93 -2.34 0.51
C THR B 16 3.77 -3.49 1.49
N ARG B 17 4.89 -4.13 1.72
CA ARG B 17 4.93 -5.24 2.60
C ARG B 17 6.36 -5.63 2.85
N PHE B 18 6.59 -6.10 4.07
CA PHE B 18 7.88 -6.53 4.51
C PHE B 18 7.83 -7.96 5.06
N ASP B 19 8.84 -8.77 4.78
CA ASP B 19 8.86 -10.13 5.30
C ASP B 19 10.11 -10.33 6.14
N ARG B 20 9.97 -10.38 7.47
CA ARG B 20 11.17 -10.52 8.26
C ARG B 20 11.95 -11.79 7.94
N MET B 21 11.20 -12.84 7.65
CA MET B 21 11.79 -14.11 7.36
C MET B 21 12.88 -14.09 6.28
N THR B 22 12.62 -13.35 5.21
CA THR B 22 13.53 -13.21 4.09
C THR B 22 14.19 -11.88 4.03
N GLY B 23 13.66 -10.95 4.82
CA GLY B 23 14.20 -9.60 4.87
C GLY B 23 13.91 -8.79 3.61
N ALA B 24 13.02 -9.32 2.80
CA ALA B 24 12.65 -8.68 1.55
C ALA B 24 11.45 -7.74 1.69
N HIS B 25 11.50 -6.71 0.85
CA HIS B 25 10.45 -5.72 0.80
C HIS B 25 9.76 -5.80 -0.54
N PHE B 26 8.46 -5.62 -0.49
CA PHE B 26 7.57 -5.66 -1.64
C PHE B 26 6.82 -4.38 -1.88
N VAL B 27 6.90 -3.93 -3.13
CA VAL B 27 6.26 -2.74 -3.61
C VAL B 27 5.45 -3.01 -4.87
N ILE B 28 4.23 -2.53 -4.84
CA ILE B 28 3.31 -2.59 -5.96
C ILE B 28 2.73 -1.21 -6.11
N ARG B 29 3.05 -0.56 -7.21
CA ARG B 29 2.55 0.75 -7.52
C ARG B 29 1.63 0.71 -8.74
N LEU B 30 0.44 1.24 -8.55
CA LEU B 30 -0.57 1.32 -9.59
C LEU B 30 -0.67 2.78 -10.01
N ASP B 31 -0.26 3.11 -11.20
CA ASP B 31 -0.36 4.50 -11.57
C ASP B 31 -1.76 4.90 -12.02
N SER B 32 -2.32 4.12 -12.95
CA SER B 32 -3.64 4.38 -13.47
C SER B 32 -4.37 3.14 -13.86
N THR B 33 -5.69 3.11 -13.58
CA THR B 33 -6.57 1.99 -13.91
C THR B 33 -7.73 2.50 -14.75
N GLN B 34 -7.53 3.70 -15.27
CA GLN B 34 -8.47 4.42 -16.07
C GLN B 34 -8.91 3.69 -17.35
N LEU B 35 -7.93 3.26 -18.15
CA LEU B 35 -8.21 2.56 -19.38
C LEU B 35 -8.32 1.05 -19.22
N GLY B 36 -8.21 0.63 -17.96
CA GLY B 36 -8.28 -0.79 -17.63
C GLY B 36 -7.46 -1.09 -16.37
N PRO B 37 -7.54 -2.33 -15.94
CA PRO B 37 -6.79 -2.74 -14.79
C PRO B 37 -5.33 -2.43 -15.04
N ALA B 38 -4.56 -2.25 -13.97
CA ALA B 38 -3.15 -1.97 -14.17
C ALA B 38 -2.46 -3.26 -14.50
N ALA B 39 -1.40 -3.16 -15.26
CA ALA B 39 -0.60 -4.29 -15.62
C ALA B 39 0.83 -3.77 -15.72
N GLY B 40 1.78 -4.56 -15.27
CA GLY B 40 3.19 -4.18 -15.28
C GLY B 40 3.99 -5.36 -14.75
N GLY B 41 5.29 -5.42 -15.10
CA GLY B 41 6.12 -6.51 -14.68
C GLY B 41 6.35 -6.57 -13.18
N THR B 42 7.29 -7.41 -12.86
CA THR B 42 7.72 -7.62 -11.51
C THR B 42 9.23 -7.66 -11.61
N ARG B 43 9.82 -6.59 -11.14
CA ARG B 43 11.24 -6.44 -11.15
C ARG B 43 11.80 -6.87 -9.80
N ALA B 44 12.81 -7.69 -9.79
CA ALA B 44 13.34 -8.05 -8.49
C ALA B 44 14.78 -7.64 -8.52
N ALA B 45 15.18 -6.84 -7.56
CA ALA B 45 16.55 -6.39 -7.54
C ALA B 45 16.91 -5.80 -6.19
N GLN B 46 18.20 -5.57 -5.98
CA GLN B 46 18.67 -4.99 -4.74
C GLN B 46 18.75 -3.48 -4.90
N TYR B 47 18.20 -2.73 -3.92
CA TYR B 47 18.18 -1.27 -3.93
C TYR B 47 19.02 -0.68 -2.78
N SER B 48 19.64 0.49 -2.98
CA SER B 48 20.46 1.08 -1.93
C SER B 48 19.63 1.38 -0.69
N GLN B 49 18.45 1.93 -0.96
CA GLN B 49 17.48 2.33 0.03
C GLN B 49 16.07 2.02 -0.45
N LEU B 50 15.15 1.96 0.50
CA LEU B 50 13.75 1.70 0.24
C LEU B 50 13.18 2.72 -0.74
N ALA B 51 13.47 3.96 -0.48
CA ALA B 51 13.03 5.07 -1.28
C ALA B 51 13.43 4.87 -2.72
N ASP B 52 14.54 4.21 -2.98
CA ASP B 52 14.92 3.98 -4.36
C ASP B 52 14.00 2.98 -5.02
N ALA B 53 13.47 2.10 -4.17
CA ALA B 53 12.56 1.04 -4.58
C ALA B 53 11.22 1.66 -4.90
N LEU B 54 10.75 2.48 -3.98
CA LEU B 54 9.52 3.20 -4.17
C LEU B 54 9.63 4.13 -5.39
N THR B 55 10.76 4.83 -5.55
CA THR B 55 10.92 5.70 -6.71
C THR B 55 10.72 4.94 -8.03
N ASP B 56 11.49 3.86 -8.18
CA ASP B 56 11.46 3.01 -9.35
C ASP B 56 10.13 2.45 -9.74
N ALA B 57 9.43 1.88 -8.76
CA ALA B 57 8.10 1.30 -8.93
C ALA B 57 7.16 2.35 -9.50
N GLY B 58 7.34 3.57 -8.98
CA GLY B 58 6.59 4.74 -9.38
C GLY B 58 6.91 5.20 -10.83
N LYS B 59 8.18 5.39 -11.17
CA LYS B 59 8.51 5.83 -12.53
C LYS B 59 8.12 4.77 -13.56
N LEU B 60 8.35 3.51 -13.22
CA LEU B 60 8.01 2.43 -14.13
C LEU B 60 6.52 2.35 -14.34
N ALA B 61 5.75 2.39 -13.24
CA ALA B 61 4.30 2.35 -13.31
C ALA B 61 3.77 3.39 -14.31
N GLY B 62 4.41 4.56 -14.33
CA GLY B 62 4.03 5.66 -15.21
C GLY B 62 4.22 5.35 -16.69
N ALA B 63 5.40 4.81 -16.92
CA ALA B 63 5.83 4.41 -18.23
C ALA B 63 4.80 3.43 -18.76
N MET B 64 4.35 2.50 -17.86
CA MET B 64 3.36 1.48 -18.15
C MET B 64 2.05 2.08 -18.61
N THR B 65 1.63 3.08 -17.86
CA THR B 65 0.40 3.77 -18.17
C THR B 65 0.40 4.41 -19.55
N LEU B 66 1.43 5.16 -19.83
CA LEU B 66 1.59 5.80 -21.14
C LEU B 66 1.80 4.79 -22.24
N LYS B 67 2.67 3.83 -21.96
CA LYS B 67 2.95 2.77 -22.92
C LYS B 67 1.66 2.08 -23.38
N MET B 68 0.79 1.75 -22.42
CA MET B 68 -0.44 1.08 -22.78
C MET B 68 -1.38 1.97 -23.61
N ALA B 69 -1.43 3.22 -23.24
CA ALA B 69 -2.28 4.17 -23.91
C ALA B 69 -1.84 4.54 -25.31
N VAL B 70 -0.55 4.80 -25.46
CA VAL B 70 -0.05 5.17 -26.77
C VAL B 70 -0.04 4.02 -27.75
N SER B 71 -0.15 2.78 -27.27
CA SER B 71 -0.11 1.57 -28.10
C SER B 71 -1.46 0.95 -28.36
N ASN B 72 -2.46 1.63 -27.83
CA ASN B 72 -3.84 1.26 -27.96
C ASN B 72 -4.23 -0.02 -27.30
N LEU B 73 -3.73 -0.20 -26.07
CA LEU B 73 -4.04 -1.39 -25.31
C LEU B 73 -5.03 -1.03 -24.24
N PRO B 74 -5.98 -1.93 -23.99
CA PRO B 74 -7.01 -1.66 -23.01
C PRO B 74 -6.58 -1.90 -21.59
N MET B 75 -5.48 -1.31 -21.13
CA MET B 75 -5.13 -1.58 -19.74
C MET B 75 -4.49 -0.34 -19.16
N GLY B 76 -4.35 -0.34 -17.85
CA GLY B 76 -3.72 0.76 -17.13
C GLY B 76 -2.24 0.45 -16.85
N GLY B 77 -1.56 1.35 -16.14
CA GLY B 77 -0.17 1.17 -15.81
C GLY B 77 0.04 0.85 -14.36
N GLY B 78 0.83 -0.18 -14.14
CA GLY B 78 1.16 -0.61 -12.81
C GLY B 78 2.54 -1.24 -12.81
N LYS B 79 3.13 -1.44 -11.63
CA LYS B 79 4.43 -2.05 -11.55
C LYS B 79 4.72 -2.67 -10.17
N SER B 80 5.49 -3.75 -10.13
CA SER B 80 5.83 -4.39 -8.89
C SER B 80 7.33 -4.48 -8.73
N VAL B 81 7.85 -4.04 -7.59
CA VAL B 81 9.27 -4.11 -7.31
C VAL B 81 9.52 -4.96 -6.07
N ILE B 82 10.48 -5.85 -6.15
CA ILE B 82 10.87 -6.67 -5.03
C ILE B 82 12.27 -6.26 -4.63
N ALA B 83 12.38 -5.63 -3.46
CA ALA B 83 13.64 -5.17 -2.96
C ALA B 83 14.30 -6.35 -2.29
N LEU B 84 15.28 -6.98 -2.96
CA LEU B 84 15.98 -8.14 -2.48
C LEU B 84 17.02 -7.82 -1.41
N PRO B 85 17.14 -8.72 -0.47
CA PRO B 85 18.07 -8.61 0.64
C PRO B 85 19.49 -8.93 0.17
N ALA B 86 19.50 -9.67 -0.92
CA ALA B 86 20.72 -10.08 -1.57
C ALA B 86 20.51 -10.23 -3.07
N PRO B 87 21.63 -10.22 -3.79
CA PRO B 87 21.62 -10.38 -5.23
C PRO B 87 20.74 -11.55 -5.62
N ARG B 88 20.01 -11.38 -6.70
CA ARG B 88 19.09 -12.41 -7.14
C ARG B 88 19.73 -13.79 -7.24
N HIS B 89 20.91 -13.81 -7.80
CA HIS B 89 21.61 -15.05 -8.01
C HIS B 89 22.02 -15.75 -6.73
N SER B 90 22.05 -15.01 -5.62
CA SER B 90 22.46 -15.57 -4.35
C SER B 90 21.27 -16.10 -3.60
N ILE B 91 20.12 -15.56 -3.92
CA ILE B 91 18.98 -16.05 -3.24
C ILE B 91 18.79 -17.55 -3.45
N ASP B 92 18.60 -18.25 -2.35
CA ASP B 92 18.36 -19.68 -2.38
C ASP B 92 16.91 -19.99 -2.81
N PRO B 93 16.79 -21.05 -3.55
CA PRO B 93 15.57 -21.55 -4.10
C PRO B 93 14.38 -21.43 -3.18
N SER B 94 14.56 -21.90 -1.94
CA SER B 94 13.52 -21.90 -0.93
C SER B 94 13.05 -20.51 -0.50
N THR B 95 13.95 -19.56 -0.58
CA THR B 95 13.61 -18.22 -0.21
C THR B 95 12.94 -17.57 -1.39
N TRP B 96 13.54 -17.82 -2.55
CA TRP B 96 13.02 -17.25 -3.75
C TRP B 96 11.55 -17.60 -3.82
N ALA B 97 11.30 -18.86 -3.64
CA ALA B 97 9.96 -19.38 -3.67
C ALA B 97 9.02 -18.76 -2.64
N ARG B 98 9.55 -18.46 -1.45
CA ARG B 98 8.73 -17.87 -0.38
C ARG B 98 8.32 -16.47 -0.77
N ILE B 99 9.35 -15.75 -1.22
CA ILE B 99 9.20 -14.40 -1.69
C ILE B 99 8.17 -14.34 -2.81
N LEU B 100 8.29 -15.27 -3.72
CA LEU B 100 7.35 -15.30 -4.82
C LEU B 100 5.96 -15.54 -4.27
N ARG B 101 5.87 -16.43 -3.31
CA ARG B 101 4.59 -16.75 -2.70
C ARG B 101 3.81 -15.58 -2.09
N ILE B 102 4.54 -14.76 -1.33
CA ILE B 102 4.00 -13.58 -0.67
C ILE B 102 3.55 -12.55 -1.67
N HIS B 103 4.42 -12.30 -2.65
CA HIS B 103 4.12 -11.39 -3.75
C HIS B 103 2.78 -11.75 -4.36
N ALA B 104 2.65 -13.03 -4.67
CA ALA B 104 1.42 -13.51 -5.25
C ALA B 104 0.25 -13.25 -4.30
N GLU B 105 0.53 -13.36 -3.04
CA GLU B 105 -0.54 -13.10 -2.12
C GLU B 105 -0.96 -11.68 -2.20
N ASN B 106 0.02 -10.83 -2.39
CA ASN B 106 -0.29 -9.41 -2.44
C ASN B 106 -1.13 -9.05 -3.62
N ILE B 107 -0.81 -9.62 -4.82
CA ILE B 107 -1.54 -9.35 -6.07
C ILE B 107 -3.01 -9.77 -5.94
N ASP B 108 -3.19 -10.96 -5.39
CA ASP B 108 -4.51 -11.53 -5.22
C ASP B 108 -5.45 -10.65 -4.41
N LYS B 109 -4.90 -9.84 -3.54
CA LYS B 109 -5.67 -8.94 -2.71
C LYS B 109 -6.31 -7.84 -3.52
N LEU B 110 -5.64 -7.47 -4.61
CA LEU B 110 -6.03 -6.44 -5.58
C LEU B 110 -7.15 -6.94 -6.48
N SER B 111 -7.27 -8.24 -6.45
CA SER B 111 -8.34 -8.90 -7.15
C SER B 111 -8.65 -8.43 -8.58
N GLY B 112 -7.64 -8.52 -9.47
CA GLY B 112 -7.84 -8.16 -10.87
C GLY B 112 -7.61 -6.69 -11.19
N ASN B 113 -7.31 -5.89 -10.19
CA ASN B 113 -7.02 -4.48 -10.39
C ASN B 113 -5.57 -4.33 -10.86
N TYR B 114 -4.81 -5.41 -10.75
CA TYR B 114 -3.43 -5.45 -11.16
C TYR B 114 -3.08 -6.85 -11.69
N TRP B 115 -2.38 -6.88 -12.83
CA TRP B 115 -1.92 -8.06 -13.54
C TRP B 115 -0.43 -7.91 -13.74
N THR B 116 0.35 -8.90 -13.34
CA THR B 116 1.81 -8.82 -13.44
C THR B 116 2.40 -9.67 -14.55
N GLY B 117 3.69 -9.59 -14.66
CA GLY B 117 4.36 -10.36 -15.66
C GLY B 117 5.80 -10.24 -15.31
N PRO B 118 6.64 -10.73 -16.17
CA PRO B 118 8.08 -10.74 -15.98
C PRO B 118 8.74 -9.42 -16.30
N ASP B 119 9.84 -9.18 -15.60
CA ASP B 119 10.62 -7.98 -15.80
C ASP B 119 12.01 -8.39 -15.43
N VAL B 120 12.85 -7.42 -15.12
CA VAL B 120 14.22 -7.73 -14.73
C VAL B 120 14.34 -8.72 -13.59
N ASN B 121 14.93 -9.88 -13.89
CA ASN B 121 15.17 -10.93 -12.91
C ASN B 121 14.02 -11.83 -12.55
N THR B 122 12.96 -11.76 -13.34
CA THR B 122 11.78 -12.59 -13.15
C THR B 122 11.53 -13.27 -14.48
N ASN B 123 10.99 -14.47 -14.47
CA ASN B 123 10.79 -15.11 -15.75
C ASN B 123 9.50 -15.87 -15.79
N SER B 124 9.33 -16.53 -16.93
CA SER B 124 8.16 -17.31 -17.19
C SER B 124 7.91 -18.42 -16.19
N ALA B 125 9.02 -18.99 -15.67
CA ALA B 125 8.94 -20.07 -14.67
C ALA B 125 8.40 -19.55 -13.34
N ASP B 126 8.84 -18.33 -12.98
CA ASP B 126 8.40 -17.67 -11.77
C ASP B 126 6.93 -17.29 -11.84
N MET B 127 6.50 -16.94 -13.05
CA MET B 127 5.13 -16.56 -13.31
C MET B 127 4.25 -17.73 -13.12
N ASP B 128 4.83 -18.86 -13.49
CA ASP B 128 4.11 -20.10 -13.36
C ASP B 128 3.98 -20.35 -11.90
N THR B 129 5.07 -20.07 -11.25
CA THR B 129 5.09 -20.27 -9.83
C THR B 129 4.09 -19.32 -9.20
N LEU B 130 4.08 -18.10 -9.67
CA LEU B 130 3.17 -17.13 -9.13
C LEU B 130 1.75 -17.59 -9.27
N ASN B 131 1.47 -18.07 -10.46
CA ASN B 131 0.16 -18.55 -10.82
C ASN B 131 -0.37 -19.68 -9.93
N ASP B 132 0.48 -20.26 -9.06
CA ASP B 132 0.01 -21.34 -8.15
C ASP B 132 -0.85 -20.80 -7.02
N THR B 133 -0.69 -19.48 -6.78
CA THR B 133 -1.41 -18.71 -5.78
C THR B 133 -2.41 -17.73 -6.42
N THR B 134 -1.98 -17.06 -7.46
CA THR B 134 -2.86 -16.12 -8.09
C THR B 134 -3.03 -16.28 -9.59
N GLU B 135 -4.13 -15.70 -10.04
CA GLU B 135 -4.52 -15.74 -11.42
C GLU B 135 -4.11 -14.53 -12.22
N PHE B 136 -3.93 -13.39 -11.55
CA PHE B 136 -3.57 -12.14 -12.18
C PHE B 136 -2.15 -12.10 -12.73
N VAL B 137 -1.80 -13.11 -13.54
CA VAL B 137 -0.46 -13.21 -14.08
C VAL B 137 -0.40 -13.40 -15.57
N PHE B 138 0.48 -12.63 -16.22
CA PHE B 138 0.71 -12.70 -17.66
C PHE B 138 2.11 -13.24 -17.89
N GLY B 139 2.30 -13.96 -18.98
CA GLY B 139 3.63 -14.43 -19.28
C GLY B 139 3.99 -15.79 -18.75
N ARG B 140 3.02 -16.56 -18.32
CA ARG B 140 3.35 -17.87 -17.88
C ARG B 140 3.83 -18.62 -19.14
N SER B 141 4.58 -19.66 -18.95
CA SER B 141 5.09 -20.47 -20.04
C SER B 141 3.98 -21.11 -20.89
N LEU B 142 4.32 -21.41 -22.14
CA LEU B 142 3.37 -22.00 -23.06
C LEU B 142 2.60 -23.16 -22.49
N GLU B 143 3.27 -24.02 -21.75
CA GLU B 143 2.65 -25.20 -21.17
C GLU B 143 1.58 -24.93 -20.11
N ARG B 144 1.73 -23.81 -19.41
CA ARG B 144 0.77 -23.46 -18.39
C ARG B 144 -0.39 -22.66 -18.94
N GLY B 145 -0.25 -22.18 -20.18
CA GLY B 145 -1.30 -21.42 -20.82
C GLY B 145 -0.90 -19.97 -21.06
N GLY B 146 0.37 -19.68 -20.84
CA GLY B 146 0.86 -18.34 -21.02
C GLY B 146 1.33 -18.10 -22.45
N ALA B 147 1.56 -16.82 -22.76
CA ALA B 147 2.03 -16.36 -24.04
C ALA B 147 3.54 -16.48 -24.09
N GLY B 148 4.07 -16.94 -22.97
CA GLY B 148 5.50 -17.11 -22.84
C GLY B 148 6.29 -15.80 -22.79
N SER B 149 7.50 -15.84 -23.37
CA SER B 149 8.41 -14.68 -23.39
C SER B 149 8.11 -13.67 -24.51
N SER B 150 8.27 -12.38 -24.20
CA SER B 150 7.98 -11.31 -25.13
C SER B 150 9.19 -10.48 -25.56
N ALA B 151 10.37 -11.05 -25.35
CA ALA B 151 11.59 -10.36 -25.70
C ALA B 151 11.65 -10.08 -27.18
N PHE B 152 11.38 -11.13 -27.93
CA PHE B 152 11.42 -11.06 -29.36
C PHE B 152 10.44 -10.05 -29.88
N THR B 153 9.24 -10.05 -29.33
CA THR B 153 8.29 -9.08 -29.80
C THR B 153 8.81 -7.75 -29.40
N THR B 154 9.48 -7.76 -28.26
CA THR B 154 10.04 -6.52 -27.81
C THR B 154 11.13 -5.99 -28.72
N ALA B 155 12.04 -6.88 -29.10
CA ALA B 155 13.17 -6.54 -29.93
C ALA B 155 12.74 -6.20 -31.35
N VAL B 156 11.69 -6.85 -31.82
CA VAL B 156 11.22 -6.54 -33.15
C VAL B 156 10.73 -5.08 -33.21
N GLY B 157 9.96 -4.70 -32.15
CA GLY B 157 9.38 -3.37 -31.98
C GLY B 157 10.48 -2.33 -32.00
N VAL B 158 11.50 -2.57 -31.19
CA VAL B 158 12.65 -1.69 -31.08
C VAL B 158 13.46 -1.58 -32.39
N PHE B 159 13.47 -2.64 -33.19
CA PHE B 159 14.20 -2.59 -34.45
C PHE B 159 13.45 -1.71 -35.46
N GLU B 160 12.15 -1.94 -35.54
CA GLU B 160 11.27 -1.16 -36.41
C GLU B 160 11.37 0.30 -36.03
N ALA B 161 11.30 0.53 -34.71
CA ALA B 161 11.42 1.87 -34.14
C ALA B 161 12.77 2.48 -34.51
N MET B 162 13.81 1.68 -34.33
CA MET B 162 15.16 2.09 -34.67
C MET B 162 15.25 2.53 -36.14
N LYS B 163 14.64 1.74 -37.01
CA LYS B 163 14.65 2.04 -38.44
C LYS B 163 13.87 3.31 -38.79
N ALA B 164 12.74 3.49 -38.12
CA ALA B 164 11.93 4.67 -38.36
C ALA B 164 12.71 5.95 -37.99
N THR B 165 13.40 5.89 -36.82
CA THR B 165 14.20 6.98 -36.27
C THR B 165 15.36 7.36 -37.16
N VAL B 166 16.02 6.31 -37.68
CA VAL B 166 17.17 6.48 -38.57
C VAL B 166 16.76 7.15 -39.92
N ALA B 167 15.57 6.84 -40.40
CA ALA B 167 15.11 7.39 -41.66
C ALA B 167 14.79 8.85 -41.46
N HIS B 168 14.02 9.06 -40.43
CA HIS B 168 13.62 10.41 -40.10
C HIS B 168 14.80 11.35 -39.92
N ARG B 169 15.80 10.90 -39.17
CA ARG B 169 16.97 11.70 -38.90
C ARG B 169 17.76 12.07 -40.16
N GLY B 170 17.48 11.34 -41.25
CA GLY B 170 18.12 11.58 -42.54
C GLY B 170 19.38 10.78 -42.79
N LEU B 171 19.45 9.64 -42.13
CA LEU B 171 20.61 8.77 -42.25
C LEU B 171 20.42 7.64 -43.25
N GLY B 172 19.22 7.58 -43.81
CA GLY B 172 18.88 6.52 -44.77
C GLY B 172 18.43 5.23 -44.11
N SER B 173 19.24 4.19 -44.29
CA SER B 173 18.92 2.93 -43.66
C SER B 173 20.04 2.58 -42.71
N LEU B 174 19.82 1.53 -41.93
CA LEU B 174 20.79 0.99 -40.98
C LEU B 174 22.04 0.50 -41.69
N ASP B 175 21.91 0.35 -43.00
CA ASP B 175 23.04 -0.12 -43.75
C ASP B 175 24.19 0.81 -43.68
N GLY B 176 25.28 0.30 -43.12
CA GLY B 176 26.48 1.07 -43.02
C GLY B 176 26.49 2.05 -41.87
N LEU B 177 25.61 1.80 -40.92
CA LEU B 177 25.55 2.65 -39.75
C LEU B 177 26.21 1.87 -38.64
N THR B 178 26.77 2.59 -37.65
CA THR B 178 27.40 2.01 -36.48
C THR B 178 26.42 2.04 -35.30
N VAL B 179 25.98 0.88 -34.85
CA VAL B 179 25.05 0.76 -33.73
C VAL B 179 25.70 0.26 -32.47
N LEU B 180 25.53 0.99 -31.38
CA LEU B 180 26.11 0.61 -30.11
C LEU B 180 25.05 0.04 -29.18
N VAL B 181 25.09 -1.26 -28.99
CA VAL B 181 24.12 -1.89 -28.11
C VAL B 181 24.62 -2.08 -26.68
N GLN B 182 23.94 -1.46 -25.72
CA GLN B 182 24.29 -1.62 -24.32
C GLN B 182 23.35 -2.58 -23.66
N GLY B 183 23.87 -3.75 -23.28
CA GLY B 183 23.07 -4.76 -22.64
C GLY B 183 22.71 -5.81 -23.67
N LEU B 184 23.37 -6.94 -23.58
CA LEU B 184 23.15 -8.02 -24.51
C LEU B 184 22.26 -9.09 -23.93
N GLY B 185 21.15 -8.70 -23.35
CA GLY B 185 20.27 -9.69 -22.80
C GLY B 185 19.34 -10.30 -23.83
N ALA B 186 18.17 -10.66 -23.31
CA ALA B 186 17.13 -11.30 -24.08
C ALA B 186 16.71 -10.59 -25.36
N VAL B 187 16.44 -9.30 -25.18
CA VAL B 187 15.99 -8.36 -26.19
C VAL B 187 17.18 -7.76 -26.91
N GLY B 188 18.11 -7.29 -26.08
CA GLY B 188 19.34 -6.64 -26.57
C GLY B 188 19.97 -7.47 -27.66
N GLY B 189 20.25 -8.72 -27.30
CA GLY B 189 20.86 -9.70 -28.21
C GLY B 189 20.03 -10.00 -29.46
N SER B 190 18.70 -9.90 -29.35
CA SER B 190 17.86 -10.13 -30.50
C SER B 190 17.98 -8.96 -31.46
N LEU B 191 17.88 -7.78 -30.87
CA LEU B 191 18.02 -6.58 -31.62
C LEU B 191 19.35 -6.54 -32.37
N ALA B 192 20.44 -6.99 -31.76
CA ALA B 192 21.70 -6.94 -32.50
C ALA B 192 21.67 -7.82 -33.74
N SER B 193 21.02 -8.98 -33.63
CA SER B 193 20.93 -9.87 -34.76
C SER B 193 20.27 -9.16 -35.92
N LEU B 194 19.13 -8.53 -35.60
CA LEU B 194 18.34 -7.79 -36.55
C LEU B 194 19.11 -6.67 -37.25
N ALA B 195 19.78 -5.83 -36.46
CA ALA B 195 20.53 -4.72 -37.03
C ALA B 195 21.71 -5.12 -37.89
N ALA B 196 22.41 -6.19 -37.47
CA ALA B 196 23.55 -6.75 -38.15
C ALA B 196 23.10 -7.22 -39.51
N GLU B 197 22.03 -8.00 -39.45
CA GLU B 197 21.44 -8.51 -40.66
C GLU B 197 21.02 -7.36 -41.57
N ALA B 198 20.66 -6.25 -40.99
CA ALA B 198 20.24 -5.18 -41.86
C ALA B 198 21.35 -4.30 -42.41
N GLY B 199 22.64 -4.68 -42.25
CA GLY B 199 23.72 -3.84 -42.77
C GLY B 199 24.48 -2.95 -41.78
N ALA B 200 24.09 -2.97 -40.52
CA ALA B 200 24.75 -2.15 -39.52
C ALA B 200 26.00 -2.83 -38.90
N GLN B 201 26.97 -2.03 -38.44
CA GLN B 201 28.18 -2.49 -37.78
C GLN B 201 27.82 -2.59 -36.31
N LEU B 202 28.13 -3.69 -35.65
CA LEU B 202 27.74 -3.79 -34.26
C LEU B 202 28.81 -3.60 -33.19
N LEU B 203 28.60 -2.59 -32.34
CA LEU B 203 29.45 -2.31 -31.22
C LEU B 203 28.67 -2.83 -30.02
N VAL B 204 29.24 -3.68 -29.17
CA VAL B 204 28.49 -4.23 -28.05
C VAL B 204 29.22 -4.17 -26.70
N ALA B 205 28.44 -4.09 -25.62
CA ALA B 205 28.84 -4.00 -24.22
C ALA B 205 27.87 -4.71 -23.27
N ASP B 206 28.42 -5.48 -22.35
CA ASP B 206 27.59 -6.19 -21.39
C ASP B 206 28.42 -6.61 -20.20
N THR B 207 27.81 -6.53 -19.02
CA THR B 207 28.48 -6.92 -17.77
C THR B 207 28.98 -8.35 -17.84
N ASP B 208 28.33 -9.08 -18.75
CA ASP B 208 28.60 -10.46 -18.99
C ASP B 208 29.54 -10.68 -20.17
N THR B 209 30.73 -11.11 -19.77
CA THR B 209 31.87 -11.39 -20.60
C THR B 209 31.61 -12.46 -21.66
N GLU B 210 30.85 -13.49 -21.27
CA GLU B 210 30.45 -14.63 -22.11
C GLU B 210 29.58 -14.13 -23.25
N ARG B 211 28.73 -13.22 -22.82
CA ARG B 211 27.81 -12.59 -23.70
C ARG B 211 28.63 -11.89 -24.74
N VAL B 212 29.47 -11.00 -24.22
CA VAL B 212 30.38 -10.27 -25.06
C VAL B 212 31.24 -11.16 -25.93
N ALA B 213 31.87 -12.16 -25.31
CA ALA B 213 32.74 -13.08 -26.05
C ALA B 213 32.08 -13.65 -27.30
N HIS B 214 30.88 -14.15 -27.10
CA HIS B 214 30.08 -14.72 -28.15
C HIS B 214 29.73 -13.73 -29.29
N ALA B 215 29.39 -12.49 -28.92
CA ALA B 215 29.07 -11.52 -29.94
C ALA B 215 30.31 -11.26 -30.76
N VAL B 216 31.41 -11.36 -30.06
CA VAL B 216 32.65 -11.14 -30.73
C VAL B 216 32.86 -12.25 -31.70
N ALA B 217 32.47 -13.43 -31.24
CA ALA B 217 32.58 -14.65 -32.02
C ALA B 217 31.86 -14.45 -33.32
N LEU B 218 30.67 -13.84 -33.21
CA LEU B 218 29.83 -13.55 -34.36
C LEU B 218 30.35 -12.46 -35.31
N GLY B 219 31.40 -11.76 -34.89
CA GLY B 219 31.99 -10.75 -35.72
C GLY B 219 31.68 -9.33 -35.25
N HIS B 220 31.28 -9.22 -34.00
CA HIS B 220 30.97 -7.92 -33.46
C HIS B 220 32.13 -7.31 -32.72
N THR B 221 31.94 -6.08 -32.33
CA THR B 221 32.96 -5.39 -31.61
C THR B 221 32.57 -5.07 -30.21
N ALA B 222 33.45 -5.49 -29.31
CA ALA B 222 33.28 -5.29 -27.89
C ALA B 222 33.60 -3.87 -27.44
N VAL B 223 32.83 -3.40 -26.46
CA VAL B 223 33.04 -2.06 -25.92
C VAL B 223 33.20 -2.14 -24.40
N ALA B 224 34.29 -1.58 -23.83
CA ALA B 224 34.42 -1.65 -22.38
C ALA B 224 33.33 -0.81 -21.75
N LEU B 225 32.70 -1.40 -20.73
CA LEU B 225 31.61 -0.78 -20.00
C LEU B 225 31.82 0.69 -19.68
N GLU B 226 33.08 1.03 -19.50
CA GLU B 226 33.45 2.38 -19.16
C GLU B 226 33.68 3.29 -20.36
N ASP B 227 33.47 2.77 -21.55
CA ASP B 227 33.71 3.61 -22.69
C ASP B 227 32.43 3.75 -23.45
N VAL B 228 31.43 3.16 -22.86
CA VAL B 228 30.13 3.11 -23.47
C VAL B 228 29.52 4.41 -23.94
N LEU B 229 29.25 5.25 -22.94
CA LEU B 229 28.62 6.55 -23.09
C LEU B 229 29.56 7.57 -23.74
N SER B 230 30.78 7.14 -23.97
CA SER B 230 31.71 8.04 -24.58
C SER B 230 32.04 7.60 -25.99
N THR B 231 31.60 6.38 -26.33
CA THR B 231 31.82 5.77 -27.63
C THR B 231 30.91 6.26 -28.75
N PRO B 232 31.58 6.75 -29.81
CA PRO B 232 31.00 7.28 -31.03
C PRO B 232 30.27 6.26 -31.89
N CYS B 233 29.06 6.62 -32.24
CA CYS B 233 28.27 5.75 -33.03
C CYS B 233 27.27 6.56 -33.83
N ASP B 234 26.41 5.85 -34.52
CA ASP B 234 25.38 6.52 -35.24
C ASP B 234 24.15 6.38 -34.37
N VAL B 235 24.05 5.21 -33.82
CA VAL B 235 22.92 4.92 -32.98
C VAL B 235 23.35 4.31 -31.69
N PHE B 236 22.65 4.74 -30.67
CA PHE B 236 22.86 4.26 -29.34
C PHE B 236 21.62 3.51 -28.91
N ALA B 237 21.83 2.23 -28.59
CA ALA B 237 20.73 1.40 -28.16
C ALA B 237 20.88 0.94 -26.73
N PRO B 238 20.23 1.64 -25.86
CA PRO B 238 20.29 1.26 -24.48
C PRO B 238 19.30 0.13 -24.23
N CYS B 239 19.80 -1.07 -23.94
CA CYS B 239 18.88 -2.17 -23.69
C CYS B 239 19.10 -2.86 -22.35
N ALA B 240 19.75 -2.15 -21.45
CA ALA B 240 20.07 -2.63 -20.11
C ALA B 240 19.24 -1.93 -19.05
N MET B 241 19.89 -1.34 -18.08
CA MET B 241 19.11 -0.66 -17.06
C MET B 241 18.67 0.71 -17.56
N GLY B 242 17.87 1.41 -16.76
CA GLY B 242 17.42 2.72 -17.17
C GLY B 242 18.16 3.85 -16.44
N GLY B 243 17.61 5.06 -16.61
CA GLY B 243 18.17 6.27 -16.01
C GLY B 243 19.57 6.53 -16.53
N VAL B 244 19.84 5.97 -17.68
CA VAL B 244 21.11 6.07 -18.33
C VAL B 244 21.47 7.44 -18.87
N ILE B 245 20.49 8.19 -19.36
CA ILE B 245 20.79 9.50 -19.87
C ILE B 245 20.50 10.65 -18.92
N THR B 246 21.55 11.07 -18.21
CA THR B 246 21.50 12.18 -17.29
C THR B 246 21.77 13.45 -18.06
N THR B 247 21.70 14.57 -17.36
CA THR B 247 21.94 15.79 -18.06
C THR B 247 23.37 15.82 -18.59
N GLU B 248 24.29 15.24 -17.85
CA GLU B 248 25.66 15.24 -18.30
C GLU B 248 25.92 14.27 -19.46
N VAL B 249 25.18 13.19 -19.52
CA VAL B 249 25.40 12.25 -20.60
C VAL B 249 24.86 12.84 -21.91
N ALA B 250 23.71 13.53 -21.76
CA ALA B 250 23.04 14.18 -22.87
C ALA B 250 23.95 15.14 -23.62
N ARG B 251 24.74 15.90 -22.88
CA ARG B 251 25.67 16.85 -23.47
C ARG B 251 26.95 16.22 -23.97
N THR B 252 27.14 14.93 -23.77
CA THR B 252 28.39 14.40 -24.22
C THR B 252 28.30 13.20 -25.13
N LEU B 253 27.12 12.65 -25.23
CA LEU B 253 26.93 11.49 -26.05
C LEU B 253 27.38 11.71 -27.47
N ASP B 254 28.11 10.73 -28.06
CA ASP B 254 28.56 10.84 -29.45
C ASP B 254 27.72 10.07 -30.46
N CYS B 255 26.51 10.53 -30.78
CA CYS B 255 25.64 9.86 -31.72
C CYS B 255 24.63 10.80 -32.36
N SER B 256 23.81 10.24 -33.24
CA SER B 256 22.78 10.97 -33.97
C SER B 256 21.44 10.42 -33.61
N VAL B 257 21.40 9.16 -33.16
CA VAL B 257 20.12 8.54 -32.80
C VAL B 257 20.15 7.81 -31.49
N VAL B 258 19.01 7.75 -30.80
CA VAL B 258 18.90 7.02 -29.56
C VAL B 258 17.65 6.18 -29.66
N ALA B 259 17.82 4.85 -29.72
CA ALA B 259 16.74 3.89 -29.82
C ALA B 259 17.15 2.60 -29.10
N GLY B 260 16.36 2.19 -28.08
CA GLY B 260 16.62 0.99 -27.28
C GLY B 260 15.38 0.36 -26.60
N ALA B 261 15.60 -0.60 -25.71
CA ALA B 261 14.53 -1.31 -25.03
C ALA B 261 14.27 -0.96 -23.59
N ALA B 262 15.28 -0.41 -22.98
CA ALA B 262 15.15 -0.04 -21.61
C ALA B 262 13.98 0.89 -21.34
N ASN B 263 13.50 0.77 -20.10
CA ASN B 263 12.42 1.59 -19.62
C ASN B 263 13.06 2.76 -18.90
N ASN B 264 12.48 3.94 -19.00
CA ASN B 264 13.04 5.09 -18.31
C ASN B 264 14.49 5.40 -18.59
N VAL B 265 14.81 5.58 -19.86
CA VAL B 265 16.17 5.87 -20.28
C VAL B 265 16.73 7.20 -19.78
N ILE B 266 15.88 8.22 -19.87
CA ILE B 266 16.13 9.62 -19.51
C ILE B 266 15.94 9.92 -18.05
N ALA B 267 17.03 10.27 -17.40
CA ALA B 267 16.95 10.56 -15.96
C ALA B 267 16.16 11.83 -15.54
N ASP B 268 16.46 12.94 -16.23
CA ASP B 268 15.84 14.24 -15.99
C ASP B 268 15.31 14.88 -17.29
N GLU B 269 14.26 15.70 -17.13
CA GLU B 269 13.60 16.37 -18.25
C GLU B 269 14.50 17.20 -19.15
N ALA B 270 15.49 17.84 -18.52
CA ALA B 270 16.49 18.70 -19.12
C ALA B 270 17.39 17.93 -20.08
N ALA B 271 17.71 16.68 -19.73
CA ALA B 271 18.51 15.82 -20.59
C ALA B 271 17.85 15.72 -21.98
N SER B 272 16.55 15.40 -21.97
CA SER B 272 15.74 15.24 -23.14
C SER B 272 15.76 16.47 -24.02
N ASP B 273 15.87 17.62 -23.38
CA ASP B 273 15.94 18.87 -24.13
C ASP B 273 17.27 19.02 -24.79
N ILE B 274 18.27 18.52 -24.10
CA ILE B 274 19.62 18.61 -24.59
C ILE B 274 19.87 17.78 -25.84
N LEU B 275 19.42 16.56 -25.77
CA LEU B 275 19.62 15.67 -26.87
C LEU B 275 19.01 16.38 -28.05
N HIS B 276 17.81 16.84 -27.81
CA HIS B 276 17.09 17.50 -28.84
C HIS B 276 17.86 18.63 -29.44
N ALA B 277 18.34 19.50 -28.56
CA ALA B 277 19.11 20.68 -28.95
C ALA B 277 20.35 20.35 -29.67
N ARG B 278 20.91 19.19 -29.32
CA ARG B 278 22.16 18.70 -29.90
C ARG B 278 21.99 17.97 -31.25
N GLY B 279 20.78 17.89 -31.79
CA GLY B 279 20.59 17.19 -33.06
C GLY B 279 20.57 15.69 -32.88
N ILE B 280 20.15 15.24 -31.73
CA ILE B 280 20.12 13.82 -31.45
C ILE B 280 18.66 13.40 -31.34
N LEU B 281 18.24 12.56 -32.31
CA LEU B 281 16.86 12.05 -32.42
C LEU B 281 16.62 10.84 -31.51
N TYR B 282 15.82 11.06 -30.45
CA TYR B 282 15.53 10.01 -29.49
C TYR B 282 14.15 9.51 -29.72
N ALA B 283 13.98 8.20 -29.74
CA ALA B 283 12.66 7.62 -29.91
C ALA B 283 12.13 7.31 -28.49
N PRO B 284 11.01 7.87 -28.06
CA PRO B 284 10.53 7.59 -26.71
C PRO B 284 10.47 6.12 -26.32
N ASP B 285 11.20 5.81 -25.21
CA ASP B 285 11.28 4.44 -24.70
C ASP B 285 9.93 3.72 -24.64
N PHE B 286 8.91 4.46 -24.17
CA PHE B 286 7.60 3.94 -23.96
C PHE B 286 6.83 3.60 -25.20
N VAL B 287 7.36 4.05 -26.32
CA VAL B 287 6.72 3.77 -27.58
C VAL B 287 7.46 2.61 -28.18
N ALA B 288 8.78 2.82 -28.25
CA ALA B 288 9.73 1.90 -28.83
C ALA B 288 9.77 0.49 -28.25
N ASN B 289 9.76 0.40 -26.93
CA ASN B 289 9.84 -0.88 -26.29
C ASN B 289 8.50 -1.52 -25.99
N ALA B 290 7.43 -1.11 -26.67
CA ALA B 290 6.13 -1.64 -26.39
C ALA B 290 5.78 -3.01 -26.95
N GLY B 291 6.71 -3.61 -27.65
CA GLY B 291 6.38 -4.90 -28.19
C GLY B 291 6.06 -5.93 -27.12
N GLY B 292 6.75 -5.92 -25.97
CA GLY B 292 6.46 -6.90 -24.93
C GLY B 292 5.00 -6.81 -24.46
N ALA B 293 4.52 -5.58 -24.25
CA ALA B 293 3.14 -5.39 -23.83
C ALA B 293 2.13 -5.82 -24.86
N ILE B 294 2.41 -5.49 -26.11
CA ILE B 294 1.53 -5.90 -27.18
C ILE B 294 1.37 -7.41 -27.21
N HIS B 295 2.50 -8.06 -26.95
CA HIS B 295 2.57 -9.52 -26.93
C HIS B 295 1.76 -10.19 -25.81
N LEU B 296 1.95 -9.71 -24.59
CA LEU B 296 1.27 -10.30 -23.46
C LEU B 296 -0.20 -9.99 -23.50
N VAL B 297 -0.49 -8.69 -23.65
CA VAL B 297 -1.87 -8.23 -23.74
C VAL B 297 -2.54 -8.75 -25.01
N GLY B 298 -1.89 -8.50 -26.15
CA GLY B 298 -2.41 -8.96 -27.40
C GLY B 298 -2.81 -10.41 -27.24
N ARG B 299 -1.85 -11.28 -26.98
CA ARG B 299 -2.11 -12.71 -26.82
C ARG B 299 -2.96 -13.15 -25.62
N GLU B 300 -2.56 -12.78 -24.43
CA GLU B 300 -3.26 -13.28 -23.30
C GLU B 300 -4.61 -12.65 -23.17
N VAL B 301 -4.64 -11.34 -23.24
CA VAL B 301 -5.90 -10.65 -23.09
C VAL B 301 -6.85 -10.61 -24.27
N LEU B 302 -6.31 -10.21 -25.43
CA LEU B 302 -7.09 -10.04 -26.63
C LEU B 302 -7.19 -11.26 -27.48
N GLY B 303 -6.38 -12.25 -27.15
CA GLY B 303 -6.34 -13.50 -27.85
C GLY B 303 -5.79 -13.45 -29.26
N TRP B 304 -4.91 -12.48 -29.53
CA TRP B 304 -4.32 -12.30 -30.85
C TRP B 304 -3.33 -13.40 -31.26
N SER B 305 -3.32 -13.80 -32.53
CA SER B 305 -2.35 -14.82 -32.94
C SER B 305 -0.96 -14.22 -32.84
N GLU B 306 0.06 -15.04 -33.16
CA GLU B 306 1.49 -14.69 -33.13
C GLU B 306 1.87 -13.65 -34.18
N SER B 307 1.27 -13.80 -35.36
CA SER B 307 1.46 -12.91 -36.49
C SER B 307 1.01 -11.49 -36.20
N VAL B 308 -0.29 -11.37 -35.91
CA VAL B 308 -0.93 -10.10 -35.55
C VAL B 308 -0.05 -9.32 -34.56
N VAL B 309 0.26 -9.99 -33.46
CA VAL B 309 1.12 -9.45 -32.43
C VAL B 309 2.38 -8.97 -33.15
N HIS B 310 3.02 -9.84 -33.95
CA HIS B 310 4.19 -9.46 -34.71
C HIS B 310 3.93 -8.22 -35.57
N GLU B 311 2.85 -8.24 -36.28
CA GLU B 311 2.51 -7.11 -37.11
C GLU B 311 2.16 -5.83 -36.35
N ARG B 312 1.60 -5.97 -35.16
CA ARG B 312 1.22 -4.81 -34.37
C ARG B 312 2.46 -4.10 -33.79
N ALA B 313 3.50 -4.93 -33.49
CA ALA B 313 4.79 -4.57 -32.91
C ALA B 313 5.65 -3.83 -33.92
N VAL B 314 5.39 -4.14 -35.17
CA VAL B 314 6.09 -3.52 -36.25
C VAL B 314 5.51 -2.15 -36.48
N ALA B 315 4.22 -2.04 -36.14
CA ALA B 315 3.48 -0.82 -36.32
C ALA B 315 3.92 0.21 -35.34
N ILE B 316 4.88 -0.19 -34.51
CA ILE B 316 5.42 0.71 -33.51
C ILE B 316 6.12 1.85 -34.21
N GLY B 317 6.68 1.50 -35.38
CA GLY B 317 7.40 2.44 -36.23
C GLY B 317 6.53 3.58 -36.72
N ASP B 318 5.30 3.20 -36.99
CA ASP B 318 4.36 4.17 -37.46
C ASP B 318 4.06 5.15 -36.34
N THR B 319 3.79 4.60 -35.15
CA THR B 319 3.49 5.44 -34.02
C THR B 319 4.54 6.51 -33.90
N LEU B 320 5.79 6.07 -34.06
CA LEU B 320 6.95 6.94 -33.98
C LEU B 320 6.87 8.00 -35.06
N ASN B 321 6.48 7.58 -36.25
CA ASN B 321 6.40 8.55 -37.29
C ASN B 321 5.39 9.62 -36.90
N GLN B 322 4.31 9.23 -36.25
CA GLN B 322 3.36 10.26 -35.85
C GLN B 322 3.95 11.10 -34.76
N VAL B 323 4.75 10.47 -33.89
CA VAL B 323 5.37 11.21 -32.83
C VAL B 323 6.31 12.27 -33.40
N PHE B 324 7.11 11.82 -34.37
CA PHE B 324 8.10 12.66 -35.05
C PHE B 324 7.48 13.81 -35.83
N GLU B 325 6.29 13.55 -36.34
CA GLU B 325 5.57 14.57 -37.08
C GLU B 325 5.14 15.69 -36.13
N ILE B 326 4.61 15.33 -34.96
CA ILE B 326 4.17 16.28 -33.94
C ILE B 326 5.36 17.04 -33.37
N SER B 327 6.33 16.32 -32.86
CA SER B 327 7.47 17.02 -32.31
C SER B 327 7.97 18.06 -33.29
N ASP B 328 7.98 17.69 -34.55
CA ASP B 328 8.43 18.58 -35.59
C ASP B 328 7.46 19.71 -35.88
N ASN B 329 6.17 19.43 -35.77
CA ASN B 329 5.15 20.42 -36.05
C ASN B 329 5.03 21.46 -34.94
N ASP B 330 4.76 20.95 -33.74
CA ASP B 330 4.58 21.79 -32.59
C ASP B 330 5.89 22.29 -31.96
N GLY B 331 7.04 21.74 -32.36
CA GLY B 331 8.29 22.19 -31.78
C GLY B 331 8.57 21.68 -30.37
N VAL B 332 8.09 20.50 -30.12
CA VAL B 332 8.32 19.87 -28.85
C VAL B 332 9.33 18.73 -29.01
N THR B 333 9.78 18.25 -27.88
CA THR B 333 10.67 17.15 -27.90
C THR B 333 9.79 15.99 -28.27
N PRO B 334 10.41 14.88 -28.66
CA PRO B 334 9.70 13.68 -29.03
C PRO B 334 8.99 13.16 -27.81
N ASP B 335 9.70 13.24 -26.70
CA ASP B 335 9.13 12.77 -25.47
C ASP B 335 7.80 13.42 -25.23
N GLU B 336 7.82 14.73 -25.33
CA GLU B 336 6.58 15.40 -25.13
C GLU B 336 5.63 15.03 -26.22
N ALA B 337 6.14 15.08 -27.44
CA ALA B 337 5.31 14.74 -28.58
C ALA B 337 4.62 13.43 -28.35
N ALA B 338 5.40 12.46 -27.81
CA ALA B 338 4.90 11.10 -27.49
C ALA B 338 3.79 11.17 -26.47
N ARG B 339 4.05 11.95 -25.41
CA ARG B 339 3.07 12.14 -24.36
C ARG B 339 1.78 12.71 -24.95
N THR B 340 1.95 13.58 -25.93
CA THR B 340 0.79 14.18 -26.55
C THR B 340 -0.08 13.17 -27.29
N LEU B 341 0.54 12.25 -28.06
CA LEU B 341 -0.20 11.25 -28.80
C LEU B 341 -0.83 10.18 -27.88
N ALA B 342 -0.17 9.84 -26.80
CA ALA B 342 -0.81 8.85 -25.94
C ALA B 342 -2.11 9.39 -25.41
N GLY B 343 -2.07 10.68 -25.09
CA GLY B 343 -3.18 11.41 -24.54
C GLY B 343 -4.34 11.48 -25.50
N ARG B 344 -3.98 11.62 -26.78
CA ARG B 344 -4.97 11.70 -27.83
C ARG B 344 -5.59 10.32 -28.10
N ARG B 345 -4.74 9.27 -28.02
CA ARG B 345 -5.24 7.91 -28.24
C ARG B 345 -6.09 7.44 -27.09
N ALA B 346 -5.79 7.96 -25.92
CA ALA B 346 -6.56 7.64 -24.74
C ALA B 346 -7.83 8.45 -24.78
N ARG B 347 -7.91 9.31 -25.80
CA ARG B 347 -9.03 10.20 -26.01
C ARG B 347 -9.23 11.18 -24.85
N GLU B 348 -8.15 11.52 -24.17
CA GLU B 348 -8.18 12.45 -23.01
C GLU B 348 -8.39 13.87 -23.52
#